data_8P44
#
_entry.id   8P44
#
_cell.length_a   54.212
_cell.length_b   91.222
_cell.length_c   93.098
_cell.angle_alpha   90.000
_cell.angle_beta   90.030
_cell.angle_gamma   90.000
#
_symmetry.space_group_name_H-M   'P 1 21 1'
#
loop_
_entity.id
_entity.type
_entity.pdbx_description
1 polymer MPXVgp165
2 non-polymer 9-[(1~{S},3~{R},6~{R},8~{R},9~{R},10~{R},12~{R},15~{R},17~{R},18~{R})-8-(6-aminopurin-9-yl)-9,18-bis(fluoranyl)-3,12-bis(oxidanylidene)-3,12-bis(sulfanyl)-2,4,7,11,13-pentaoxa-3$l^{5},12$l^{5}-diphosphatricyclo[13.2.1.0^{6,10}]octadecan-17-yl]-1~{H}-purin-6-one
3 water water
#
_entity_poly.entity_id   1
_entity_poly.type   'polypeptide(L)'
_entity_poly.pdbx_seq_one_letter_code
;SMAMFYAHAFGGYDENLHAFPGISSTVANDVRKYSVVSVYNKKYNIVKNKYMWCNSQVNKRYIGALLPMFECNEYLQIGD
PIHDLEGNQISIVTYRHKNYYALSGIGYESLDLCLEGVGIHHHVLETGNAVYGKVQHEYSTIKEKAKEMNALKPGPIIDY
HVWIGDCVCQVTTVDVHGKEIMRMRFKRGAVLPIPNLV
;
_entity_poly.pdbx_strand_id   A,B,C,D
#
loop_
_chem_comp.id
_chem_comp.type
_chem_comp.name
_chem_comp.formula
WY8 non-polymer 9-[(1~{S},3~{R},6~{R},8~{R},9~{R},10~{R},12~{R},15~{R},17~{R},18~{R})-8-(6-aminopurin-9-yl)-9,18-bis(fluoranyl)-3,12-bis(oxidanylidene)-3,12-bis(sulfanyl)-2,4,7,11,13-pentaoxa-3$l^{5},12$l^{5}-diphosphatricyclo[13.2.1.0^{6,10}]octadecan-17-yl]-1~{H}-purin-6-one 'C21 H23 F2 N9 O8 P2 S2'
#
# COMPACT_ATOMS: atom_id res chain seq x y z
N ALA A 3 -29.91 -33.74 26.26
CA ALA A 3 -28.73 -33.74 25.40
C ALA A 3 -28.23 -35.17 25.16
N MET A 4 -28.22 -35.59 23.89
CA MET A 4 -27.82 -36.93 23.50
C MET A 4 -26.47 -36.87 22.79
N PHE A 5 -25.63 -37.86 23.08
CA PHE A 5 -24.35 -38.04 22.40
C PHE A 5 -24.28 -39.48 21.93
N TYR A 6 -24.24 -39.68 20.62
CA TYR A 6 -24.18 -41.01 20.01
C TYR A 6 -22.79 -41.23 19.41
N ALA A 7 -22.22 -42.40 19.70
CA ALA A 7 -20.85 -42.70 19.28
C ALA A 7 -20.86 -43.28 17.88
N HIS A 8 -20.13 -42.64 16.96
CA HIS A 8 -20.00 -43.16 15.60
C HIS A 8 -19.48 -44.60 15.58
N ALA A 9 -18.69 -44.98 16.58
CA ALA A 9 -18.12 -46.32 16.58
C ALA A 9 -19.20 -47.40 16.71
N PHE A 10 -20.37 -47.05 17.26
CA PHE A 10 -21.45 -47.99 17.47
C PHE A 10 -22.61 -47.77 16.51
N GLY A 11 -22.35 -47.17 15.35
CA GLY A 11 -23.42 -46.89 14.42
C GLY A 11 -24.30 -45.73 14.80
N GLY A 12 -23.80 -44.80 15.59
CA GLY A 12 -24.56 -43.68 16.09
C GLY A 12 -24.57 -42.45 15.21
N TYR A 13 -23.97 -42.51 14.03
CA TYR A 13 -23.89 -41.35 13.19
C TYR A 13 -25.27 -41.00 12.64
N ASP A 14 -25.70 -39.77 12.86
CA ASP A 14 -26.99 -39.26 12.37
C ASP A 14 -26.70 -38.01 11.57
N GLU A 15 -27.01 -38.04 10.27
CA GLU A 15 -26.68 -36.94 9.37
C GLU A 15 -27.36 -35.64 9.74
N ASN A 16 -28.45 -35.70 10.50
CA ASN A 16 -29.19 -34.50 10.88
C ASN A 16 -28.77 -33.93 12.22
N LEU A 17 -27.80 -34.54 12.88
CA LEU A 17 -27.29 -34.04 14.15
C LEU A 17 -25.97 -33.31 13.95
N HIS A 18 -25.55 -32.57 14.98
CA HIS A 18 -24.23 -31.99 14.98
C HIS A 18 -23.18 -33.10 14.91
N ALA A 19 -22.13 -32.88 14.11
CA ALA A 19 -21.13 -33.89 13.84
C ALA A 19 -19.78 -33.45 14.40
N PHE A 20 -19.17 -34.27 15.23
CA PHE A 20 -17.84 -34.07 15.75
C PHE A 20 -17.10 -35.39 15.67
N PRO A 21 -15.75 -35.35 15.82
CA PRO A 21 -15.00 -36.63 15.76
C PRO A 21 -15.60 -37.65 16.72
N GLY A 22 -16.13 -38.74 16.17
CA GLY A 22 -16.64 -39.83 16.97
C GLY A 22 -18.03 -39.66 17.54
N ILE A 23 -18.63 -38.47 17.41
CA ILE A 23 -19.88 -38.17 18.08
C ILE A 23 -20.87 -37.53 17.10
N SER A 24 -22.14 -37.92 17.24
CA SER A 24 -23.28 -37.19 16.71
C SER A 24 -24.15 -36.79 17.89
N SER A 25 -24.41 -35.49 18.02
CA SER A 25 -25.04 -34.95 19.22
C SER A 25 -26.17 -34.00 18.84
N THR A 26 -27.09 -33.83 19.79
CA THR A 26 -28.18 -32.88 19.64
C THR A 26 -27.77 -31.47 20.08
N VAL A 27 -26.60 -31.32 20.69
CA VAL A 27 -26.08 -30.03 21.09
C VAL A 27 -24.70 -29.82 20.47
N ALA A 28 -24.25 -28.57 20.49
CA ALA A 28 -22.95 -28.16 19.93
C ALA A 28 -22.20 -27.44 21.04
N ASN A 29 -21.42 -28.19 21.82
CA ASN A 29 -20.70 -27.62 22.95
C ASN A 29 -19.31 -27.16 22.52
N ASP A 30 -18.96 -25.94 22.90
CA ASP A 30 -17.61 -25.42 22.74
C ASP A 30 -16.75 -25.99 23.86
N VAL A 31 -15.91 -26.97 23.53
CA VAL A 31 -15.13 -27.65 24.56
C VAL A 31 -13.76 -27.03 24.77
N ARG A 32 -13.44 -25.93 24.08
CA ARG A 32 -12.18 -25.23 24.33
C ARG A 32 -12.14 -24.60 25.72
N LYS A 33 -13.30 -24.34 26.33
CA LYS A 33 -13.35 -23.55 27.55
C LYS A 33 -13.07 -24.37 28.80
N TYR A 34 -13.33 -25.67 28.78
CA TYR A 34 -13.17 -26.48 29.98
C TYR A 34 -11.70 -26.71 30.31
N SER A 35 -11.37 -26.62 31.60
CA SER A 35 -10.07 -26.99 32.09
C SER A 35 -10.08 -28.22 33.00
N VAL A 36 -11.25 -28.61 33.51
CA VAL A 36 -11.40 -29.81 34.30
C VAL A 36 -12.70 -30.49 33.89
N VAL A 37 -12.66 -31.81 33.72
CA VAL A 37 -13.84 -32.59 33.39
C VAL A 37 -13.95 -33.74 34.39
N SER A 38 -15.10 -34.40 34.38
CA SER A 38 -15.43 -35.49 35.29
C SER A 38 -15.92 -36.69 34.51
N VAL A 39 -15.38 -37.86 34.83
CA VAL A 39 -15.84 -39.12 34.28
C VAL A 39 -16.05 -40.09 35.44
N TYR A 40 -17.28 -40.59 35.59
CA TYR A 40 -17.62 -41.48 36.68
C TYR A 40 -17.17 -40.90 38.03
N ASN A 41 -17.50 -39.63 38.22
CA ASN A 41 -17.27 -38.90 39.46
C ASN A 41 -15.79 -38.73 39.78
N LYS A 42 -14.92 -38.77 38.78
CA LYS A 42 -13.49 -38.54 38.95
C LYS A 42 -13.09 -37.35 38.09
N LYS A 43 -12.36 -36.40 38.70
CA LYS A 43 -11.96 -35.18 38.02
C LYS A 43 -10.64 -35.39 37.28
N TYR A 44 -10.56 -34.82 36.08
CA TYR A 44 -9.37 -34.92 35.25
C TYR A 44 -9.05 -33.57 34.62
N ASN A 45 -7.77 -33.24 34.57
CA ASN A 45 -7.32 -31.95 34.06
C ASN A 45 -7.13 -31.99 32.55
N ILE A 46 -7.59 -30.93 31.88
CA ILE A 46 -7.39 -30.80 30.44
C ILE A 46 -5.98 -30.33 30.19
N VAL A 47 -5.29 -30.97 29.24
CA VAL A 47 -3.90 -30.61 28.95
C VAL A 47 -3.87 -29.23 28.30
N LYS A 48 -2.96 -28.38 28.76
CA LYS A 48 -2.83 -27.03 28.24
C LYS A 48 -1.87 -27.00 27.05
N ASN A 49 -2.28 -26.34 25.98
CA ASN A 49 -1.43 -26.06 24.82
C ASN A 49 -0.99 -27.31 24.07
N LYS A 50 -1.71 -28.43 24.23
CA LYS A 50 -1.47 -29.60 23.39
C LYS A 50 -2.80 -30.33 23.24
N TYR A 51 -3.05 -30.86 22.05
CA TYR A 51 -4.37 -31.35 21.67
C TYR A 51 -4.26 -32.72 21.02
N MET A 52 -5.41 -33.23 20.55
CA MET A 52 -5.47 -34.51 19.87
C MET A 52 -6.22 -34.35 18.56
N TRP A 53 -5.58 -34.71 17.45
CA TRP A 53 -6.25 -34.75 16.16
C TRP A 53 -7.09 -36.02 16.06
N CYS A 54 -8.40 -35.88 16.00
CA CYS A 54 -9.29 -37.04 15.95
C CYS A 54 -10.17 -36.94 14.72
N ASN A 55 -10.58 -38.10 14.20
CA ASN A 55 -11.46 -38.13 13.04
C ASN A 55 -12.34 -39.37 13.10
N SER A 56 -13.54 -39.24 12.56
CA SER A 56 -14.37 -40.37 12.19
C SER A 56 -14.69 -40.27 10.71
N GLN A 57 -14.96 -41.41 10.07
CA GLN A 57 -15.26 -41.48 8.65
C GLN A 57 -16.53 -42.32 8.48
N VAL A 58 -17.60 -41.67 8.04
CA VAL A 58 -18.90 -42.33 7.86
C VAL A 58 -19.55 -41.79 6.60
N ASN A 59 -20.13 -42.70 5.81
CA ASN A 59 -20.90 -42.32 4.62
C ASN A 59 -20.07 -41.45 3.68
N LYS A 60 -18.81 -41.83 3.49
CA LYS A 60 -17.88 -41.11 2.61
C LYS A 60 -17.62 -39.70 3.11
N ARG A 61 -17.79 -39.46 4.42
CA ARG A 61 -17.56 -38.15 5.02
C ARG A 61 -16.44 -38.26 6.04
N TYR A 62 -15.48 -37.35 5.97
CA TYR A 62 -14.39 -37.26 6.93
C TYR A 62 -14.66 -36.10 7.87
N ILE A 63 -14.58 -36.36 9.18
CA ILE A 63 -14.90 -35.38 10.22
C ILE A 63 -13.70 -35.36 11.17
N GLY A 64 -12.76 -34.44 10.94
CA GLY A 64 -11.56 -34.36 11.73
C GLY A 64 -11.42 -33.02 12.42
N ALA A 65 -10.79 -33.03 13.60
CA ALA A 65 -10.64 -31.80 14.36
C ALA A 65 -9.52 -31.95 15.39
N LEU A 66 -8.92 -30.81 15.75
CA LEU A 66 -8.04 -30.72 16.90
C LEU A 66 -8.89 -30.53 18.15
N LEU A 67 -8.81 -31.50 19.08
CA LEU A 67 -9.71 -31.52 20.22
C LEU A 67 -8.93 -31.41 21.53
N PRO A 68 -9.52 -30.80 22.55
CA PRO A 68 -8.87 -30.84 23.87
C PRO A 68 -8.76 -32.28 24.34
N MET A 69 -7.78 -32.54 25.21
CA MET A 69 -7.65 -33.84 25.84
C MET A 69 -7.37 -33.66 27.33
N PHE A 70 -7.85 -34.61 28.12
CA PHE A 70 -7.58 -34.65 29.55
C PHE A 70 -6.72 -35.87 29.87
N GLU A 71 -5.94 -35.76 30.94
CA GLU A 71 -5.02 -36.81 31.35
C GLU A 71 -5.68 -37.67 32.42
N CYS A 72 -5.68 -38.98 32.20
CA CYS A 72 -6.36 -39.93 33.07
C CYS A 72 -5.67 -41.26 32.97
N ASN A 73 -5.31 -41.83 34.13
CA ASN A 73 -4.62 -43.11 34.16
C ASN A 73 -5.55 -44.30 34.14
N GLU A 74 -6.83 -44.11 34.45
CA GLU A 74 -7.78 -45.20 34.33
C GLU A 74 -8.09 -45.46 32.87
N TYR A 75 -8.31 -46.72 32.51
CA TYR A 75 -8.81 -47.04 31.18
C TYR A 75 -10.27 -46.61 31.07
N LEU A 76 -10.57 -45.81 30.03
CA LEU A 76 -11.94 -45.40 29.74
C LEU A 76 -12.32 -45.97 28.38
N GLN A 77 -13.63 -46.15 28.17
CA GLN A 77 -14.15 -46.78 26.97
C GLN A 77 -15.07 -45.83 26.22
N ILE A 78 -15.14 -46.04 24.90
CA ILE A 78 -16.02 -45.27 24.04
C ILE A 78 -17.40 -45.23 24.65
N GLY A 79 -18.00 -44.05 24.70
CA GLY A 79 -19.33 -43.88 25.25
C GLY A 79 -19.39 -43.49 26.71
N ASP A 80 -18.29 -43.59 27.44
CA ASP A 80 -18.29 -43.17 28.83
C ASP A 80 -18.68 -41.69 28.89
N PRO A 81 -19.73 -41.33 29.62
CA PRO A 81 -20.13 -39.92 29.66
C PRO A 81 -19.05 -39.04 30.28
N ILE A 82 -18.87 -37.86 29.69
CA ILE A 82 -17.95 -36.86 30.21
C ILE A 82 -18.78 -35.68 30.73
N HIS A 83 -18.51 -35.27 31.96
CA HIS A 83 -19.25 -34.20 32.61
C HIS A 83 -18.35 -33.01 32.90
N ASP A 84 -18.97 -31.84 33.04
CA ASP A 84 -18.29 -30.68 33.60
C ASP A 84 -18.37 -30.77 35.13
N LEU A 85 -17.91 -29.75 35.83
CA LEU A 85 -17.89 -29.76 37.29
C LEU A 85 -19.24 -29.41 37.91
N GLU A 86 -20.27 -29.19 37.11
CA GLU A 86 -21.61 -28.92 37.61
C GLU A 86 -22.60 -30.03 37.30
N GLY A 87 -22.11 -31.21 36.93
CA GLY A 87 -22.97 -32.34 36.67
C GLY A 87 -23.64 -32.36 35.31
N ASN A 88 -23.26 -31.44 34.42
CA ASN A 88 -23.80 -31.43 33.07
C ASN A 88 -22.94 -32.31 32.16
N GLN A 89 -23.59 -33.16 31.37
CA GLN A 89 -22.86 -33.98 30.41
C GLN A 89 -22.52 -33.13 29.18
N ILE A 90 -21.26 -33.17 28.77
CA ILE A 90 -20.76 -32.34 27.68
C ILE A 90 -20.24 -33.14 26.50
N SER A 91 -19.91 -34.42 26.68
CA SER A 91 -19.30 -35.22 25.62
C SER A 91 -19.31 -36.68 26.08
N ILE A 92 -18.71 -37.53 25.25
CA ILE A 92 -18.46 -38.93 25.60
C ILE A 92 -17.04 -39.27 25.20
N VAL A 93 -16.45 -40.24 25.91
CA VAL A 93 -15.13 -40.74 25.55
C VAL A 93 -15.18 -41.28 24.13
N THR A 94 -14.27 -40.78 23.27
CA THR A 94 -14.16 -41.29 21.91
C THR A 94 -12.80 -41.88 21.59
N TYR A 95 -11.72 -41.13 21.81
CA TYR A 95 -10.38 -41.50 21.37
C TYR A 95 -9.41 -41.32 22.53
N ARG A 96 -8.32 -42.10 22.49
N ARG A 96 -8.32 -42.12 22.49
CA ARG A 96 -7.30 -42.00 23.52
CA ARG A 96 -7.30 -42.08 23.51
C ARG A 96 -5.93 -42.13 22.90
C ARG A 96 -5.91 -42.13 22.88
N HIS A 97 -4.96 -41.48 23.54
CA HIS A 97 -3.55 -41.59 23.19
C HIS A 97 -2.85 -41.88 24.52
N LYS A 98 -2.52 -43.16 24.77
CA LYS A 98 -1.96 -43.54 26.07
C LYS A 98 -2.88 -43.04 27.17
N ASN A 99 -2.41 -42.13 28.01
CA ASN A 99 -3.23 -41.60 29.09
C ASN A 99 -3.94 -40.29 28.73
N TYR A 100 -3.92 -39.89 27.46
CA TYR A 100 -4.68 -38.74 26.99
C TYR A 100 -6.00 -39.19 26.39
N TYR A 101 -7.07 -38.47 26.72
CA TYR A 101 -8.40 -38.78 26.22
C TYR A 101 -9.00 -37.54 25.58
N ALA A 102 -9.49 -37.71 24.34
CA ALA A 102 -10.10 -36.60 23.61
C ALA A 102 -11.39 -36.13 24.25
N LEU A 103 -11.62 -34.80 24.21
CA LEU A 103 -12.90 -34.19 24.60
C LEU A 103 -13.51 -33.67 23.31
N SER A 104 -14.43 -34.45 22.73
CA SER A 104 -14.93 -34.16 21.41
C SER A 104 -16.14 -33.22 21.45
N GLY A 105 -16.19 -32.31 20.49
CA GLY A 105 -17.18 -31.25 20.41
C GLY A 105 -16.64 -30.19 19.47
N ILE A 106 -17.11 -28.95 19.66
CA ILE A 106 -16.50 -27.84 18.92
C ILE A 106 -15.13 -27.60 19.50
N GLY A 107 -14.09 -27.79 18.68
CA GLY A 107 -12.75 -27.57 19.14
C GLY A 107 -11.98 -26.51 18.38
N TYR A 108 -10.76 -26.88 18.07
CA TYR A 108 -9.87 -25.96 17.33
C TYR A 108 -9.94 -26.28 15.83
N GLU A 109 -8.81 -26.17 15.14
CA GLU A 109 -8.80 -26.36 13.66
C GLU A 109 -9.47 -27.67 13.26
N SER A 110 -10.31 -27.63 12.24
CA SER A 110 -11.06 -28.79 11.80
C SER A 110 -10.84 -29.01 10.31
N LEU A 111 -11.11 -30.23 9.87
CA LEU A 111 -11.08 -30.59 8.46
C LEU A 111 -12.30 -31.45 8.17
N ASP A 112 -13.16 -30.98 7.28
CA ASP A 112 -14.34 -31.69 6.81
C ASP A 112 -14.17 -31.95 5.32
N LEU A 113 -14.32 -33.20 4.91
CA LEU A 113 -13.97 -33.60 3.55
C LEU A 113 -14.89 -34.70 3.06
N CYS A 114 -15.32 -34.56 1.82
CA CYS A 114 -15.97 -35.65 1.10
C CYS A 114 -14.89 -36.59 0.54
N LEU A 115 -14.88 -37.82 1.00
CA LEU A 115 -13.85 -38.79 0.65
C LEU A 115 -14.05 -39.42 -0.71
N GLU A 116 -15.14 -39.09 -1.40
CA GLU A 116 -15.38 -39.61 -2.74
C GLU A 116 -14.19 -39.36 -3.65
N GLY A 117 -13.60 -40.44 -4.15
CA GLY A 117 -12.53 -40.36 -5.11
C GLY A 117 -11.16 -40.08 -4.55
N VAL A 118 -11.02 -39.87 -3.24
CA VAL A 118 -9.74 -39.56 -2.63
C VAL A 118 -9.55 -40.39 -1.37
N GLY A 119 -8.30 -40.51 -0.93
CA GLY A 119 -7.98 -41.09 0.35
C GLY A 119 -7.40 -40.05 1.29
N ILE A 120 -7.24 -40.46 2.55
CA ILE A 120 -6.68 -39.60 3.58
C ILE A 120 -5.87 -40.46 4.54
N HIS A 121 -4.73 -39.94 4.98
CA HIS A 121 -3.80 -40.67 5.82
C HIS A 121 -3.27 -39.74 6.89
N HIS A 122 -2.95 -40.31 8.05
CA HIS A 122 -2.45 -39.55 9.19
C HIS A 122 -1.07 -40.04 9.58
N HIS A 123 -0.19 -39.10 9.90
CA HIS A 123 1.18 -39.38 10.26
C HIS A 123 1.57 -38.60 11.51
N VAL A 124 2.44 -39.20 12.30
CA VAL A 124 3.12 -38.51 13.39
C VAL A 124 4.30 -37.74 12.79
N LEU A 125 4.24 -36.42 12.85
CA LEU A 125 5.33 -35.61 12.34
C LEU A 125 6.45 -35.57 13.37
N GLU A 126 7.61 -36.14 13.03
CA GLU A 126 8.76 -36.08 13.92
C GLU A 126 9.22 -34.63 14.06
N THR A 127 9.51 -34.23 15.29
CA THR A 127 9.92 -32.84 15.52
C THR A 127 11.19 -32.52 14.75
N GLY A 128 11.18 -31.39 14.05
CA GLY A 128 12.30 -30.96 13.25
C GLY A 128 12.30 -31.49 11.84
N ASN A 129 11.43 -32.44 11.51
CA ASN A 129 11.31 -32.94 10.15
C ASN A 129 10.51 -31.97 9.30
N ALA A 130 10.77 -31.99 8.00
CA ALA A 130 9.99 -31.24 7.03
C ALA A 130 9.04 -32.20 6.28
N VAL A 131 8.17 -31.61 5.50
CA VAL A 131 7.16 -32.35 4.75
C VAL A 131 7.14 -31.84 3.31
N TYR A 132 7.05 -32.78 2.37
CA TYR A 132 6.67 -32.48 0.99
C TYR A 132 5.69 -33.55 0.53
N GLY A 133 4.48 -33.14 0.19
CA GLY A 133 3.52 -34.07 -0.37
C GLY A 133 3.14 -35.17 0.60
N LYS A 134 3.55 -36.41 0.30
CA LYS A 134 3.15 -37.56 1.09
C LYS A 134 4.25 -38.10 1.98
N VAL A 135 5.36 -37.38 2.14
CA VAL A 135 6.51 -37.87 2.90
C VAL A 135 7.02 -36.81 3.86
N GLN A 136 7.61 -37.29 4.95
CA GLN A 136 8.40 -36.46 5.85
C GLN A 136 9.83 -37.00 5.88
N HIS A 137 10.78 -36.12 6.16
CA HIS A 137 12.19 -36.47 6.23
C HIS A 137 12.94 -35.24 6.73
N GLU A 138 14.25 -35.40 6.91
CA GLU A 138 15.11 -34.25 7.22
C GLU A 138 14.94 -33.17 6.15
N TYR A 139 15.13 -31.91 6.54
CA TYR A 139 14.83 -30.81 5.65
C TYR A 139 15.61 -30.91 4.34
N SER A 140 16.93 -31.17 4.43
CA SER A 140 17.74 -31.20 3.22
C SER A 140 17.26 -32.29 2.27
N THR A 141 16.91 -33.45 2.79
CA THR A 141 16.31 -34.49 1.94
C THR A 141 14.98 -34.01 1.37
N ILE A 142 14.15 -33.36 2.20
CA ILE A 142 12.87 -32.85 1.71
C ILE A 142 13.09 -31.79 0.65
N LYS A 143 14.08 -30.91 0.86
CA LYS A 143 14.35 -29.89 -0.14
C LYS A 143 14.71 -30.53 -1.49
N GLU A 144 15.45 -31.64 -1.46
CA GLU A 144 15.77 -32.30 -2.72
C GLU A 144 14.54 -32.92 -3.35
N LYS A 145 13.71 -33.60 -2.54
CA LYS A 145 12.50 -34.20 -3.09
C LYS A 145 11.63 -33.15 -3.77
N ALA A 146 11.55 -31.96 -3.20
CA ALA A 146 10.74 -30.89 -3.81
C ALA A 146 11.31 -30.51 -5.18
N LYS A 147 12.63 -30.39 -5.29
CA LYS A 147 13.23 -30.03 -6.57
C LYS A 147 12.95 -31.10 -7.63
N GLU A 148 13.09 -32.38 -7.25
CA GLU A 148 12.84 -33.45 -8.20
C GLU A 148 11.39 -33.44 -8.67
N MET A 149 10.46 -33.12 -7.78
CA MET A 149 9.04 -33.05 -8.12
C MET A 149 8.64 -31.70 -8.69
N ASN A 150 9.54 -30.72 -8.69
CA ASN A 150 9.19 -29.37 -9.13
C ASN A 150 8.65 -29.37 -10.56
N ALA A 151 9.32 -30.10 -11.46
CA ALA A 151 8.95 -30.05 -12.87
C ALA A 151 7.69 -30.85 -13.17
N LEU A 152 7.53 -32.02 -12.55
CA LEU A 152 6.40 -32.89 -12.79
C LEU A 152 5.09 -32.09 -12.86
N LYS A 153 4.33 -32.32 -13.92
CA LYS A 153 3.11 -31.55 -14.14
C LYS A 153 2.07 -31.89 -13.09
N PRO A 154 1.39 -30.89 -12.50
CA PRO A 154 0.45 -31.18 -11.42
C PRO A 154 -0.78 -31.91 -11.95
N GLY A 155 -1.10 -33.04 -11.31
CA GLY A 155 -2.27 -33.80 -11.67
C GLY A 155 -3.38 -33.63 -10.66
N PRO A 156 -4.47 -34.37 -10.83
CA PRO A 156 -5.60 -34.26 -9.91
C PRO A 156 -5.22 -34.67 -8.48
N ILE A 157 -5.81 -33.98 -7.50
CA ILE A 157 -5.66 -34.39 -6.12
C ILE A 157 -6.26 -35.76 -5.92
N ILE A 158 -5.48 -36.66 -5.31
CA ILE A 158 -5.97 -38.01 -5.03
C ILE A 158 -5.85 -38.40 -3.57
N ASP A 159 -5.06 -37.70 -2.76
CA ASP A 159 -4.88 -38.10 -1.37
C ASP A 159 -4.64 -36.88 -0.51
N TYR A 160 -5.22 -36.89 0.69
CA TYR A 160 -4.92 -35.96 1.75
C TYR A 160 -3.98 -36.62 2.77
N HIS A 161 -3.13 -35.82 3.39
CA HIS A 161 -2.18 -36.30 4.39
C HIS A 161 -2.17 -35.35 5.56
N VAL A 162 -2.44 -35.87 6.75
CA VAL A 162 -2.53 -35.09 7.98
C VAL A 162 -1.27 -35.36 8.78
N TRP A 163 -0.50 -34.30 9.04
CA TRP A 163 0.79 -34.38 9.73
C TRP A 163 0.64 -33.73 11.10
N ILE A 164 0.76 -34.54 12.15
CA ILE A 164 0.52 -34.11 13.52
C ILE A 164 1.86 -34.15 14.26
N GLY A 165 2.32 -32.98 14.73
CA GLY A 165 3.57 -32.88 15.42
C GLY A 165 3.43 -32.10 16.72
N ASP A 166 4.50 -32.13 17.51
CA ASP A 166 4.49 -31.47 18.81
C ASP A 166 4.49 -29.96 18.70
N CYS A 167 5.00 -29.42 17.60
CA CYS A 167 5.13 -27.98 17.44
C CYS A 167 4.31 -27.39 16.29
N VAL A 168 3.81 -28.24 15.40
CA VAL A 168 2.98 -27.77 14.27
C VAL A 168 2.19 -28.94 13.69
N CYS A 169 1.03 -28.66 13.15
CA CYS A 169 0.24 -29.64 12.41
C CYS A 169 0.06 -29.15 10.98
N GLN A 170 -0.10 -30.09 10.06
CA GLN A 170 -0.22 -29.73 8.66
C GLN A 170 -1.20 -30.66 7.95
N VAL A 171 -1.70 -30.17 6.82
CA VAL A 171 -2.49 -30.96 5.89
C VAL A 171 -1.96 -30.70 4.50
N THR A 172 -1.62 -31.76 3.78
CA THR A 172 -1.17 -31.65 2.40
C THR A 172 -2.09 -32.47 1.51
N THR A 173 -2.12 -32.10 0.23
CA THR A 173 -2.79 -32.87 -0.80
C THR A 173 -1.77 -33.15 -1.89
N VAL A 174 -1.90 -34.32 -2.52
CA VAL A 174 -0.96 -34.75 -3.55
C VAL A 174 -1.73 -35.35 -4.72
N ASP A 175 -1.07 -35.38 -5.88
CA ASP A 175 -1.55 -36.10 -7.04
C ASP A 175 -0.98 -37.52 -7.02
N VAL A 176 -1.15 -38.25 -8.13
CA VAL A 176 -0.74 -39.65 -8.16
C VAL A 176 0.77 -39.80 -8.01
N HIS A 177 1.54 -38.84 -8.54
CA HIS A 177 2.99 -38.89 -8.40
C HIS A 177 3.48 -38.57 -6.99
N GLY A 178 2.64 -38.00 -6.14
CA GLY A 178 3.09 -37.44 -4.89
C GLY A 178 3.47 -35.97 -4.93
N LYS A 179 3.29 -35.31 -6.08
CA LYS A 179 3.54 -33.88 -6.14
C LYS A 179 2.54 -33.12 -5.26
N GLU A 180 3.05 -32.15 -4.52
CA GLU A 180 2.25 -31.45 -3.52
C GLU A 180 1.42 -30.35 -4.18
N ILE A 181 0.13 -30.35 -3.89
CA ILE A 181 -0.79 -29.35 -4.44
C ILE A 181 -1.02 -28.25 -3.41
N MET A 182 -1.47 -28.62 -2.21
CA MET A 182 -1.77 -27.67 -1.15
C MET A 182 -1.04 -28.05 0.11
N ARG A 183 -0.67 -27.04 0.89
CA ARG A 183 -0.18 -27.23 2.26
C ARG A 183 -0.89 -26.23 3.16
N MET A 184 -1.53 -26.74 4.21
CA MET A 184 -2.13 -25.93 5.25
C MET A 184 -1.44 -26.22 6.57
N ARG A 185 -1.01 -25.19 7.27
CA ARG A 185 -0.37 -25.33 8.58
C ARG A 185 -1.32 -24.86 9.68
N PHE A 186 -1.45 -25.66 10.72
CA PHE A 186 -2.12 -25.31 11.96
C PHE A 186 -1.05 -25.12 13.04
N LYS A 187 -0.94 -23.89 13.58
CA LYS A 187 0.11 -23.57 14.54
C LYS A 187 -0.33 -24.05 15.94
N ARG A 188 -0.41 -25.35 16.09
CA ARG A 188 -0.76 -25.99 17.35
C ARG A 188 0.01 -27.30 17.43
N GLY A 189 0.33 -27.70 18.66
CA GLY A 189 0.92 -29.01 18.91
C GLY A 189 -0.16 -30.01 19.29
N ALA A 190 0.04 -31.26 18.89
CA ALA A 190 -0.98 -32.28 19.14
C ALA A 190 -0.38 -33.67 18.98
N VAL A 191 -1.20 -34.67 19.33
CA VAL A 191 -0.88 -36.07 19.17
C VAL A 191 -2.01 -36.74 18.40
N LEU A 192 -1.74 -37.97 17.95
CA LEU A 192 -2.73 -38.78 17.26
C LEU A 192 -3.23 -39.90 18.17
N PRO A 193 -4.50 -40.28 18.05
CA PRO A 193 -4.98 -41.44 18.82
C PRO A 193 -4.19 -42.69 18.46
N ILE A 194 -3.99 -43.54 19.47
CA ILE A 194 -3.37 -44.84 19.29
C ILE A 194 -4.47 -45.88 19.39
N PRO A 195 -4.80 -46.59 18.29
CA PRO A 195 -5.89 -47.59 18.29
C PRO A 195 -5.81 -48.57 19.46
N ALA B 3 20.39 -9.44 7.40
CA ALA B 3 19.06 -9.90 7.03
C ALA B 3 18.52 -9.08 5.86
N MET B 4 18.04 -9.76 4.82
CA MET B 4 17.51 -9.13 3.63
C MET B 4 16.03 -9.49 3.48
N PHE B 5 15.23 -8.50 3.08
CA PHE B 5 13.79 -8.67 2.90
C PHE B 5 13.40 -8.02 1.59
N TYR B 6 12.85 -8.82 0.68
CA TYR B 6 12.50 -8.38 -0.67
C TYR B 6 10.98 -8.40 -0.85
N ALA B 7 10.45 -7.34 -1.44
CA ALA B 7 9.01 -7.18 -1.59
C ALA B 7 8.53 -7.81 -2.89
N HIS B 8 7.54 -8.71 -2.77
CA HIS B 8 6.97 -9.31 -3.97
C HIS B 8 6.26 -8.28 -4.85
N ALA B 9 5.69 -7.24 -4.24
CA ALA B 9 5.02 -6.21 -5.03
C ALA B 9 5.99 -5.47 -5.95
N PHE B 10 7.29 -5.58 -5.71
CA PHE B 10 8.32 -4.97 -6.56
C PHE B 10 9.18 -6.04 -7.24
N GLY B 11 8.58 -7.16 -7.59
CA GLY B 11 9.30 -8.21 -8.30
C GLY B 11 10.38 -8.90 -7.50
N GLY B 12 10.39 -8.75 -6.19
CA GLY B 12 11.39 -9.34 -5.34
C GLY B 12 11.24 -10.81 -5.03
N TYR B 13 10.26 -11.49 -5.61
CA TYR B 13 10.06 -12.90 -5.29
C TYR B 13 11.28 -13.72 -5.73
N ASP B 14 11.71 -14.62 -4.85
CA ASP B 14 12.83 -15.52 -5.10
C ASP B 14 12.49 -16.87 -4.50
N GLU B 15 12.25 -17.86 -5.35
CA GLU B 15 11.81 -19.16 -4.88
C GLU B 15 12.83 -19.85 -3.99
N ASN B 16 14.11 -19.50 -4.10
CA ASN B 16 15.15 -20.12 -3.28
C ASN B 16 15.29 -19.45 -1.93
N LEU B 17 14.47 -18.45 -1.63
CA LEU B 17 14.44 -17.79 -0.33
C LEU B 17 13.17 -18.15 0.42
N HIS B 18 13.16 -17.88 1.72
CA HIS B 18 11.97 -18.10 2.52
C HIS B 18 10.82 -17.29 1.94
N ALA B 19 9.63 -17.87 1.93
CA ALA B 19 8.47 -17.26 1.28
C ALA B 19 7.42 -16.99 2.35
N PHE B 20 7.02 -15.73 2.46
CA PHE B 20 5.95 -15.27 3.33
C PHE B 20 5.06 -14.33 2.52
N PRO B 21 3.83 -14.09 2.96
CA PRO B 21 2.98 -13.14 2.23
C PRO B 21 3.70 -11.82 1.97
N GLY B 22 3.94 -11.51 0.70
CA GLY B 22 4.54 -10.27 0.31
C GLY B 22 6.04 -10.17 0.44
N ILE B 23 6.73 -11.21 0.91
CA ILE B 23 8.15 -11.11 1.23
C ILE B 23 8.88 -12.39 0.83
N SER B 24 10.01 -12.23 0.15
CA SER B 24 11.03 -13.28 0.03
C SER B 24 12.23 -12.83 0.87
N SER B 25 12.64 -13.66 1.83
CA SER B 25 13.63 -13.28 2.81
C SER B 25 14.74 -14.30 2.93
N THR B 26 15.92 -13.82 3.36
CA THR B 26 17.04 -14.69 3.69
C THR B 26 16.93 -15.29 5.08
N VAL B 27 16.01 -14.80 5.90
CA VAL B 27 15.78 -15.32 7.24
C VAL B 27 14.30 -15.66 7.38
N ALA B 28 13.99 -16.46 8.40
CA ALA B 28 12.62 -16.90 8.68
C ALA B 28 12.35 -16.54 10.14
N ASN B 29 11.87 -15.33 10.37
CA ASN B 29 11.60 -14.83 11.70
C ASN B 29 10.22 -15.26 12.16
N ASP B 30 10.13 -15.73 13.40
CA ASP B 30 8.87 -16.05 14.04
C ASP B 30 8.28 -14.76 14.56
N VAL B 31 7.31 -14.20 13.82
CA VAL B 31 6.75 -12.89 14.16
C VAL B 31 5.66 -12.98 15.21
N ARG B 32 5.28 -14.19 15.63
CA ARG B 32 4.29 -14.32 16.68
C ARG B 32 4.78 -13.81 18.04
N LYS B 33 6.09 -13.70 18.22
CA LYS B 33 6.66 -13.44 19.53
C LYS B 33 6.74 -11.95 19.89
N TYR B 34 6.34 -11.07 18.98
CA TYR B 34 6.48 -9.63 19.20
C TYR B 34 5.16 -9.03 19.66
N SER B 35 5.24 -8.15 20.66
CA SER B 35 4.12 -7.34 21.08
C SER B 35 4.25 -5.87 20.68
N VAL B 36 5.46 -5.40 20.42
CA VAL B 36 5.71 -4.03 19.98
C VAL B 36 6.73 -4.06 18.85
N VAL B 37 6.50 -3.24 17.84
CA VAL B 37 7.39 -3.13 16.68
C VAL B 37 7.66 -1.65 16.44
N SER B 38 8.69 -1.37 15.64
CA SER B 38 9.12 0.00 15.36
C SER B 38 9.32 0.19 13.86
N VAL B 39 8.81 1.32 13.36
CA VAL B 39 9.00 1.71 11.97
C VAL B 39 9.43 3.17 11.96
N TYR B 40 10.61 3.44 11.38
CA TYR B 40 11.17 4.79 11.37
C TYR B 40 11.15 5.40 12.77
N ASN B 41 11.61 4.62 13.74
CA ASN B 41 11.77 5.08 15.12
C ASN B 41 10.45 5.50 15.75
N LYS B 42 9.36 4.85 15.38
CA LYS B 42 8.07 5.05 16.01
C LYS B 42 7.53 3.69 16.45
N LYS B 43 7.14 3.58 17.71
CA LYS B 43 6.68 2.32 18.28
C LYS B 43 5.21 2.11 17.98
N TYR B 44 4.86 0.85 17.67
CA TYR B 44 3.48 0.49 17.39
C TYR B 44 3.15 -0.83 18.08
N ASN B 45 1.98 -0.88 18.72
CA ASN B 45 1.55 -2.06 19.45
C ASN B 45 0.96 -3.10 18.52
N ILE B 46 1.29 -4.36 18.79
CA ILE B 46 0.69 -5.48 18.07
C ILE B 46 -0.72 -5.71 18.61
N VAL B 47 -1.68 -5.91 17.71
CA VAL B 47 -3.05 -6.20 18.12
C VAL B 47 -3.12 -7.61 18.71
N LYS B 48 -3.75 -7.74 19.86
CA LYS B 48 -3.91 -9.04 20.51
C LYS B 48 -5.15 -9.76 20.01
N ASN B 49 -4.98 -11.02 19.62
CA ASN B 49 -6.09 -11.94 19.35
C ASN B 49 -6.85 -11.60 18.07
N LYS B 50 -6.33 -10.68 17.26
CA LYS B 50 -6.89 -10.42 15.95
C LYS B 50 -5.71 -10.27 14.98
N TYR B 51 -5.84 -10.87 13.81
CA TYR B 51 -4.75 -10.99 12.86
C TYR B 51 -5.22 -10.56 11.48
N MET B 52 -4.33 -10.67 10.50
CA MET B 52 -4.66 -10.29 9.14
C MET B 52 -4.30 -11.43 8.19
N TRP B 53 -5.27 -11.85 7.38
CA TRP B 53 -5.01 -12.85 6.36
C TRP B 53 -4.43 -12.18 5.11
N CYS B 54 -3.16 -12.42 4.84
CA CYS B 54 -2.47 -11.82 3.71
C CYS B 54 -2.01 -12.89 2.75
N ASN B 55 -1.94 -12.52 1.46
CA ASN B 55 -1.42 -13.45 0.46
C ASN B 55 -0.69 -12.70 -0.63
N SER B 56 0.37 -13.32 -1.14
CA SER B 56 1.01 -12.94 -2.39
C SER B 56 0.78 -14.07 -3.40
N GLN B 57 0.75 -13.70 -4.67
CA GLN B 57 0.50 -14.65 -5.76
C GLN B 57 1.53 -14.41 -6.84
N VAL B 58 2.47 -15.35 -6.97
CA VAL B 58 3.59 -15.21 -7.90
C VAL B 58 3.78 -16.53 -8.63
N ASN B 59 3.88 -16.48 -9.95
CA ASN B 59 4.27 -17.63 -10.74
C ASN B 59 3.38 -18.83 -10.45
N LYS B 60 2.09 -18.57 -10.34
CA LYS B 60 1.06 -19.57 -10.05
C LYS B 60 1.20 -20.16 -8.65
N ARG B 61 1.97 -19.53 -7.77
CA ARG B 61 2.11 -19.96 -6.38
C ARG B 61 1.37 -18.98 -5.47
N TYR B 62 0.52 -19.50 -4.61
CA TYR B 62 -0.23 -18.72 -3.63
C TYR B 62 0.42 -18.90 -2.27
N ILE B 63 0.81 -17.78 -1.64
CA ILE B 63 1.47 -17.77 -0.35
C ILE B 63 0.59 -16.99 0.62
N GLY B 64 -0.15 -17.69 1.46
CA GLY B 64 -1.08 -17.04 2.37
C GLY B 64 -0.87 -17.48 3.80
N ALA B 65 -1.25 -16.59 4.73
CA ALA B 65 -1.08 -16.86 6.15
C ALA B 65 -1.78 -15.79 6.96
N LEU B 66 -2.26 -16.19 8.15
CA LEU B 66 -2.68 -15.23 9.16
C LEU B 66 -1.45 -14.61 9.80
N LEU B 67 -1.34 -13.28 9.71
CA LEU B 67 -0.17 -12.58 10.20
C LEU B 67 -0.53 -11.66 11.36
N PRO B 68 0.37 -11.49 12.32
CA PRO B 68 0.16 -10.43 13.32
C PRO B 68 0.05 -9.09 12.63
N MET B 69 -0.54 -8.12 13.33
CA MET B 69 -0.68 -6.78 12.78
C MET B 69 -0.58 -5.77 13.91
N PHE B 70 0.00 -4.62 13.60
CA PHE B 70 0.19 -3.54 14.56
C PHE B 70 -0.60 -2.32 14.12
N GLU B 71 -1.03 -1.52 15.09
CA GLU B 71 -1.90 -0.39 14.83
C GLU B 71 -1.05 0.86 14.63
N CYS B 72 -1.30 1.57 13.53
CA CYS B 72 -0.48 2.71 13.14
C CYS B 72 -1.36 3.68 12.36
N ASN B 73 -1.61 4.86 12.94
CA ASN B 73 -2.43 5.85 12.27
C ASN B 73 -1.70 6.51 11.11
N GLU B 74 -0.37 6.43 11.08
CA GLU B 74 0.38 7.00 9.98
C GLU B 74 0.37 6.06 8.78
N TYR B 75 0.53 6.64 7.59
CA TYR B 75 0.52 5.87 6.37
C TYR B 75 1.91 5.33 6.12
N LEU B 76 2.02 4.00 6.00
CA LEU B 76 3.28 3.34 5.70
C LEU B 76 3.19 2.71 4.32
N GLN B 77 4.34 2.56 3.68
CA GLN B 77 4.40 2.13 2.30
C GLN B 77 5.09 0.78 2.20
N ILE B 78 4.74 0.04 1.16
CA ILE B 78 5.33 -1.28 0.95
C ILE B 78 6.84 -1.14 0.95
N GLY B 79 7.51 -1.94 1.79
CA GLY B 79 8.96 -1.95 1.85
C GLY B 79 9.55 -1.21 3.03
N ASP B 80 8.79 -0.41 3.74
CA ASP B 80 9.33 0.26 4.91
C ASP B 80 9.83 -0.79 5.90
N PRO B 81 11.06 -0.66 6.39
CA PRO B 81 11.58 -1.69 7.31
C PRO B 81 10.85 -1.68 8.65
N ILE B 82 10.61 -2.87 9.17
CA ILE B 82 9.99 -3.06 10.49
C ILE B 82 11.07 -3.62 11.41
N HIS B 83 11.26 -2.96 12.56
CA HIS B 83 12.29 -3.34 13.52
C HIS B 83 11.64 -3.75 14.84
N ASP B 84 12.38 -4.54 15.61
CA ASP B 84 12.02 -4.78 16.99
C ASP B 84 12.57 -3.63 17.84
N LEU B 85 12.42 -3.73 19.15
CA LEU B 85 12.89 -2.67 20.03
C LEU B 85 14.41 -2.67 20.18
N GLU B 86 15.07 -3.77 19.86
CA GLU B 86 16.54 -3.80 19.89
C GLU B 86 17.18 -3.23 18.62
N GLY B 87 16.39 -2.93 17.59
CA GLY B 87 16.91 -2.34 16.39
C GLY B 87 17.22 -3.29 15.25
N ASN B 88 16.87 -4.56 15.37
CA ASN B 88 17.05 -5.51 14.28
C ASN B 88 15.84 -5.43 13.35
N GLN B 89 16.10 -5.40 12.05
CA GLN B 89 15.02 -5.44 11.07
C GLN B 89 14.45 -6.86 11.02
N ILE B 90 13.15 -6.98 11.27
CA ILE B 90 12.49 -8.28 11.28
C ILE B 90 11.56 -8.49 10.09
N SER B 91 11.19 -7.44 9.37
CA SER B 91 10.21 -7.57 8.30
C SER B 91 10.19 -6.27 7.50
N ILE B 92 9.27 -6.21 6.53
CA ILE B 92 8.96 -4.98 5.80
C ILE B 92 7.44 -4.83 5.74
N VAL B 93 6.98 -3.59 5.64
CA VAL B 93 5.55 -3.30 5.47
C VAL B 93 5.05 -3.94 4.19
N THR B 94 4.01 -4.76 4.29
CA THR B 94 3.42 -5.41 3.14
C THR B 94 1.97 -5.01 2.87
N TYR B 95 1.09 -5.15 3.86
CA TYR B 95 -0.34 -5.01 3.67
C TYR B 95 -0.93 -4.21 4.82
N ARG B 96 -2.04 -3.52 4.54
CA ARG B 96 -2.70 -2.74 5.57
C ARG B 96 -4.21 -2.88 5.45
N HIS B 97 -4.87 -2.73 6.59
CA HIS B 97 -6.33 -2.66 6.67
C HIS B 97 -6.60 -1.42 7.51
N LYS B 98 -6.91 -0.30 6.85
CA LYS B 98 -7.12 0.97 7.54
C LYS B 98 -5.89 1.31 8.34
N ASN B 99 -5.96 1.22 9.68
CA ASN B 99 -4.83 1.54 10.54
C ASN B 99 -4.11 0.30 11.05
N TYR B 100 -4.41 -0.87 10.49
CA TYR B 100 -3.72 -2.11 10.84
C TYR B 100 -2.71 -2.44 9.74
N TYR B 101 -1.52 -2.83 10.14
CA TYR B 101 -0.46 -3.22 9.21
C TYR B 101 0.03 -4.61 9.55
N ALA B 102 0.11 -5.46 8.52
CA ALA B 102 0.57 -6.82 8.72
C ALA B 102 2.06 -6.88 9.06
N LEU B 103 2.42 -7.80 9.94
CA LEU B 103 3.81 -8.14 10.26
C LEU B 103 4.10 -9.48 9.61
N SER B 104 4.81 -9.46 8.49
CA SER B 104 4.90 -10.63 7.63
C SER B 104 6.15 -11.44 7.98
N GLY B 105 5.95 -12.75 8.14
CA GLY B 105 6.98 -13.67 8.61
C GLY B 105 6.34 -15.01 8.87
N ILE B 106 6.96 -15.79 9.76
CA ILE B 106 6.34 -17.00 10.23
C ILE B 106 5.27 -16.56 11.24
N GLY B 107 4.01 -16.70 10.86
CA GLY B 107 2.92 -16.36 11.74
C GLY B 107 2.07 -17.53 12.19
N TYR B 108 0.77 -17.33 12.02
CA TYR B 108 -0.21 -18.36 12.43
C TYR B 108 -0.58 -19.22 11.22
N GLU B 109 -1.82 -19.70 11.16
CA GLU B 109 -2.23 -20.65 10.09
C GLU B 109 -1.79 -20.13 8.71
N SER B 110 -1.39 -21.04 7.83
CA SER B 110 -0.89 -20.67 6.51
C SER B 110 -1.49 -21.59 5.46
N LEU B 111 -1.58 -21.07 4.24
CA LEU B 111 -2.06 -21.82 3.09
C LEU B 111 -1.09 -21.59 1.95
N ASP B 112 -0.46 -22.66 1.49
CA ASP B 112 0.39 -22.66 0.30
C ASP B 112 -0.30 -23.52 -0.75
N LEU B 113 -0.48 -22.98 -1.94
CA LEU B 113 -1.25 -23.63 -2.97
C LEU B 113 -0.63 -23.41 -4.34
N CYS B 114 -0.66 -24.44 -5.16
CA CYS B 114 -0.34 -24.32 -6.58
C CYS B 114 -1.63 -23.99 -7.33
N LEU B 115 -1.64 -22.85 -8.00
CA LEU B 115 -2.86 -22.33 -8.62
C LEU B 115 -3.13 -22.89 -9.99
N GLU B 116 -2.36 -23.89 -10.43
CA GLU B 116 -2.58 -24.46 -11.75
C GLU B 116 -3.96 -25.10 -11.82
N GLY B 117 -4.79 -24.58 -12.71
CA GLY B 117 -6.10 -25.15 -12.96
C GLY B 117 -7.18 -24.78 -11.96
N VAL B 118 -6.86 -23.96 -10.96
CA VAL B 118 -7.81 -23.59 -9.94
C VAL B 118 -7.74 -22.07 -9.71
N GLY B 119 -8.84 -21.53 -9.19
CA GLY B 119 -8.83 -20.16 -8.72
C GLY B 119 -8.99 -20.06 -7.22
N ILE B 120 -8.66 -18.92 -6.64
CA ILE B 120 -8.77 -18.70 -5.21
C ILE B 120 -9.40 -17.33 -4.99
N HIS B 121 -10.33 -17.26 -4.04
CA HIS B 121 -11.07 -16.03 -3.78
C HIS B 121 -11.19 -15.80 -2.29
N HIS B 122 -11.17 -14.53 -1.89
CA HIS B 122 -11.21 -14.14 -0.49
C HIS B 122 -12.47 -13.35 -0.18
N HIS B 123 -13.05 -13.63 0.98
CA HIS B 123 -14.31 -13.04 1.41
C HIS B 123 -14.22 -12.59 2.85
N VAL B 124 -14.85 -11.47 3.15
CA VAL B 124 -15.09 -11.09 4.54
C VAL B 124 -16.30 -11.90 5.02
N LEU B 125 -16.12 -12.63 6.10
CA LEU B 125 -17.18 -13.47 6.66
C LEU B 125 -17.97 -12.63 7.68
N GLU B 126 -19.23 -12.35 7.35
CA GLU B 126 -20.09 -11.61 8.26
C GLU B 126 -20.36 -12.44 9.51
N THR B 127 -20.30 -11.80 10.67
CA THR B 127 -20.49 -12.53 11.93
C THR B 127 -21.86 -13.19 11.96
N GLY B 128 -21.88 -14.46 12.32
CA GLY B 128 -23.10 -15.22 12.42
C GLY B 128 -23.51 -15.91 11.14
N ASN B 129 -22.95 -15.51 10.00
CA ASN B 129 -23.29 -16.15 8.74
C ASN B 129 -22.68 -17.54 8.66
N ALA B 130 -23.31 -18.40 7.90
CA ALA B 130 -22.78 -19.71 7.57
C ALA B 130 -22.19 -19.67 6.16
N VAL B 131 -21.47 -20.72 5.81
CA VAL B 131 -20.87 -20.86 4.50
C VAL B 131 -21.28 -22.20 3.90
N TYR B 132 -21.53 -22.21 2.60
CA TYR B 132 -21.54 -23.44 1.83
C TYR B 132 -20.85 -23.19 0.50
N GLY B 133 -19.73 -23.85 0.27
CA GLY B 133 -19.06 -23.75 -1.00
C GLY B 133 -18.51 -22.36 -1.24
N LYS B 134 -19.06 -21.67 -2.24
CA LYS B 134 -18.58 -20.36 -2.65
C LYS B 134 -19.48 -19.21 -2.21
N VAL B 135 -20.46 -19.47 -1.33
CA VAL B 135 -21.38 -18.44 -0.90
C VAL B 135 -21.51 -18.47 0.61
N GLN B 136 -21.77 -17.30 1.19
CA GLN B 136 -22.20 -17.17 2.57
C GLN B 136 -23.61 -16.61 2.60
N HIS B 137 -24.34 -16.90 3.67
CA HIS B 137 -25.66 -16.35 3.90
C HIS B 137 -26.05 -16.67 5.34
N GLU B 138 -27.28 -16.33 5.71
CA GLU B 138 -27.81 -16.77 7.00
C GLU B 138 -27.83 -18.29 7.07
N TYR B 139 -27.70 -18.82 8.27
CA TYR B 139 -27.66 -20.26 8.46
C TYR B 139 -28.88 -20.94 7.84
N SER B 140 -30.06 -20.34 7.99
CA SER B 140 -31.27 -20.96 7.46
C SER B 140 -31.19 -21.08 5.95
N THR B 141 -30.70 -20.04 5.27
CA THR B 141 -30.53 -20.11 3.83
C THR B 141 -29.44 -21.11 3.46
N ILE B 142 -28.35 -21.12 4.22
CA ILE B 142 -27.24 -22.03 3.93
C ILE B 142 -27.65 -23.47 4.20
N LYS B 143 -28.41 -23.72 5.27
CA LYS B 143 -28.78 -25.09 5.61
C LYS B 143 -29.53 -25.76 4.48
N GLU B 144 -30.47 -25.05 3.85
CA GLU B 144 -31.22 -25.62 2.74
C GLU B 144 -30.36 -25.72 1.48
N LYS B 145 -29.53 -24.71 1.20
CA LYS B 145 -28.60 -24.82 0.09
C LYS B 145 -27.78 -26.11 0.20
N ALA B 146 -27.30 -26.41 1.40
CA ALA B 146 -26.57 -27.65 1.60
C ALA B 146 -27.46 -28.86 1.35
N LYS B 147 -28.72 -28.79 1.80
CA LYS B 147 -29.61 -29.92 1.63
C LYS B 147 -29.80 -30.27 0.16
N GLU B 148 -29.87 -29.27 -0.71
CA GLU B 148 -30.11 -29.52 -2.12
C GLU B 148 -28.84 -29.89 -2.86
N MET B 149 -27.69 -29.43 -2.39
CA MET B 149 -26.41 -29.79 -3.00
C MET B 149 -25.87 -31.13 -2.52
N ASN B 150 -26.58 -31.79 -1.60
CA ASN B 150 -26.03 -32.98 -0.95
C ASN B 150 -25.99 -34.18 -1.88
N ALA B 151 -27.04 -34.40 -2.66
CA ALA B 151 -27.10 -35.59 -3.50
C ALA B 151 -26.14 -35.53 -4.67
N LEU B 152 -25.61 -34.35 -4.98
CA LEU B 152 -24.70 -34.23 -6.12
C LEU B 152 -23.44 -35.06 -5.89
N LYS B 153 -23.03 -35.78 -6.92
CA LYS B 153 -21.77 -36.50 -6.89
C LYS B 153 -20.62 -35.49 -6.95
N PRO B 154 -19.73 -35.47 -5.97
CA PRO B 154 -18.67 -34.46 -5.98
C PRO B 154 -17.75 -34.61 -7.19
N GLY B 155 -17.31 -33.47 -7.73
CA GLY B 155 -16.34 -33.45 -8.79
C GLY B 155 -15.01 -32.92 -8.32
N PRO B 156 -14.05 -32.79 -9.23
CA PRO B 156 -12.73 -32.27 -8.86
C PRO B 156 -12.80 -30.82 -8.40
N ILE B 157 -11.92 -30.48 -7.46
CA ILE B 157 -11.81 -29.11 -6.99
C ILE B 157 -11.39 -28.22 -8.13
N ILE B 158 -12.08 -27.07 -8.25
CA ILE B 158 -11.70 -26.06 -9.24
C ILE B 158 -11.49 -24.70 -8.63
N ASP B 159 -11.97 -24.45 -7.40
CA ASP B 159 -11.82 -23.13 -6.79
C ASP B 159 -11.68 -23.28 -5.28
N TYR B 160 -10.87 -22.41 -4.71
CA TYR B 160 -10.70 -22.28 -3.28
C TYR B 160 -11.35 -20.97 -2.83
N HIS B 161 -11.92 -20.96 -1.64
CA HIS B 161 -12.56 -19.79 -1.08
C HIS B 161 -12.12 -19.63 0.36
N VAL B 162 -11.55 -18.46 0.66
CA VAL B 162 -11.04 -18.13 1.99
C VAL B 162 -12.02 -17.17 2.63
N TRP B 163 -12.49 -17.52 3.82
CA TRP B 163 -13.50 -16.76 4.55
C TRP B 163 -12.87 -16.26 5.84
N ILE B 164 -12.80 -14.94 5.99
CA ILE B 164 -12.09 -14.32 7.10
C ILE B 164 -13.11 -13.60 7.97
N GLY B 165 -13.37 -14.15 9.16
CA GLY B 165 -14.35 -13.59 10.07
C GLY B 165 -13.73 -13.11 11.37
N ASP B 166 -14.58 -12.45 12.18
CA ASP B 166 -14.14 -11.94 13.47
C ASP B 166 -13.94 -13.04 14.50
N CYS B 167 -14.68 -14.14 14.37
CA CYS B 167 -14.62 -15.23 15.34
C CYS B 167 -13.95 -16.47 14.79
N VAL B 168 -14.05 -16.72 13.48
CA VAL B 168 -13.45 -17.90 12.87
C VAL B 168 -12.98 -17.52 11.47
N CYS B 169 -12.08 -18.32 10.92
CA CYS B 169 -11.71 -18.27 9.52
C CYS B 169 -11.89 -19.65 8.93
N GLN B 170 -12.14 -19.70 7.63
CA GLN B 170 -12.39 -20.96 6.96
C GLN B 170 -11.83 -20.94 5.56
N VAL B 171 -11.50 -22.13 5.06
CA VAL B 171 -11.16 -22.35 3.66
C VAL B 171 -12.08 -23.44 3.15
N THR B 172 -12.74 -23.19 2.03
CA THR B 172 -13.58 -24.18 1.38
C THR B 172 -13.13 -24.36 -0.05
N THR B 173 -13.57 -25.46 -0.65
CA THR B 173 -13.29 -25.80 -2.04
C THR B 173 -14.58 -26.28 -2.69
N VAL B 174 -14.67 -26.05 -4.00
CA VAL B 174 -15.88 -26.39 -4.74
C VAL B 174 -15.51 -27.00 -6.08
N ASP B 175 -16.37 -27.87 -6.59
CA ASP B 175 -16.26 -28.42 -7.94
C ASP B 175 -17.03 -27.51 -8.90
N VAL B 176 -17.13 -27.93 -10.18
CA VAL B 176 -17.73 -27.07 -11.20
C VAL B 176 -19.17 -26.75 -10.87
N HIS B 177 -19.88 -27.65 -10.19
CA HIS B 177 -21.28 -27.45 -9.85
C HIS B 177 -21.49 -26.62 -8.58
N GLY B 178 -20.42 -26.21 -7.92
CA GLY B 178 -20.53 -25.47 -6.68
C GLY B 178 -20.69 -26.31 -5.44
N LYS B 179 -20.58 -27.64 -5.56
CA LYS B 179 -20.66 -28.49 -4.37
C LYS B 179 -19.40 -28.31 -3.53
N GLU B 180 -19.57 -28.27 -2.21
CA GLU B 180 -18.46 -28.09 -1.30
C GLU B 180 -17.74 -29.43 -1.13
N ILE B 181 -16.46 -29.46 -1.47
CA ILE B 181 -15.68 -30.69 -1.39
C ILE B 181 -15.00 -30.83 -0.03
N MET B 182 -14.33 -29.78 0.42
CA MET B 182 -13.53 -29.79 1.63
C MET B 182 -13.66 -28.46 2.35
N ARG B 183 -13.63 -28.52 3.67
CA ARG B 183 -13.63 -27.32 4.49
C ARG B 183 -12.63 -27.45 5.62
N MET B 184 -11.78 -26.43 5.78
CA MET B 184 -10.93 -26.28 6.97
C MET B 184 -11.36 -25.04 7.72
N ARG B 185 -11.31 -25.10 9.06
CA ARG B 185 -11.57 -23.95 9.90
C ARG B 185 -10.33 -23.62 10.70
N PHE B 186 -10.02 -22.32 10.82
CA PHE B 186 -9.04 -21.82 11.77
C PHE B 186 -9.79 -21.08 12.87
N LYS B 187 -9.50 -21.41 14.13
CA LYS B 187 -10.18 -20.75 15.25
C LYS B 187 -9.38 -19.52 15.69
N ARG B 188 -9.40 -18.52 14.81
CA ARG B 188 -8.79 -17.22 15.07
C ARG B 188 -9.60 -16.17 14.32
N GLY B 189 -9.65 -14.98 14.88
CA GLY B 189 -10.35 -13.86 14.26
C GLY B 189 -9.37 -12.94 13.55
N ALA B 190 -9.80 -12.38 12.43
CA ALA B 190 -8.88 -11.60 11.59
C ALA B 190 -9.65 -10.75 10.60
N VAL B 191 -8.90 -9.91 9.87
CA VAL B 191 -9.41 -9.04 8.84
C VAL B 191 -8.60 -9.29 7.56
N LEU B 192 -9.19 -8.89 6.40
CA LEU B 192 -8.48 -8.97 5.15
C LEU B 192 -7.90 -7.61 4.78
N PRO B 193 -6.82 -7.58 3.99
CA PRO B 193 -6.29 -6.28 3.55
C PRO B 193 -7.32 -5.53 2.72
N ILE B 194 -7.23 -4.21 2.78
CA ILE B 194 -8.05 -3.33 1.96
C ILE B 194 -7.15 -2.69 0.91
N PRO B 195 -7.27 -3.07 -0.38
CA PRO B 195 -6.40 -2.50 -1.43
C PRO B 195 -6.52 -0.99 -1.52
N ALA C 3 -23.94 20.26 -10.77
CA ALA C 3 -22.70 20.98 -10.51
C ALA C 3 -22.97 22.47 -10.34
N MET C 4 -22.54 23.02 -9.20
CA MET C 4 -22.70 24.43 -8.88
C MET C 4 -21.34 25.11 -8.85
N PHE C 5 -21.32 26.38 -9.25
CA PHE C 5 -20.11 27.18 -9.33
C PHE C 5 -20.41 28.55 -8.72
N TYR C 6 -19.69 28.89 -7.65
CA TYR C 6 -19.87 30.16 -6.93
C TYR C 6 -18.64 31.04 -7.07
N ALA C 7 -18.85 32.31 -7.39
CA ALA C 7 -17.76 33.24 -7.66
C ALA C 7 -17.31 33.91 -6.37
N HIS C 8 -16.02 33.79 -6.06
CA HIS C 8 -15.50 34.41 -4.85
C HIS C 8 -15.73 35.92 -4.84
N ALA C 9 -15.69 36.56 -6.02
CA ALA C 9 -15.87 38.01 -6.07
C ALA C 9 -17.23 38.45 -5.55
N PHE C 10 -18.21 37.55 -5.48
CA PHE C 10 -19.54 37.87 -4.99
C PHE C 10 -19.84 37.21 -3.66
N GLY C 11 -18.81 37.01 -2.84
CA GLY C 11 -19.01 36.39 -1.55
C GLY C 11 -19.26 34.91 -1.58
N GLY C 12 -18.90 34.25 -2.67
CA GLY C 12 -19.25 32.87 -2.91
C GLY C 12 -18.31 31.85 -2.34
N TYR C 13 -17.21 32.27 -1.71
CA TYR C 13 -16.26 31.33 -1.17
C TYR C 13 -16.90 30.46 -0.10
N ASP C 14 -16.62 29.15 -0.17
CA ASP C 14 -17.14 28.17 0.79
C ASP C 14 -16.03 27.16 1.02
N GLU C 15 -15.46 27.15 2.22
CA GLU C 15 -14.30 26.31 2.50
C GLU C 15 -14.59 24.83 2.32
N ASN C 16 -15.85 24.41 2.43
CA ASN C 16 -16.21 23.00 2.28
C ASN C 16 -16.32 22.57 0.82
N LEU C 17 -16.33 23.52 -0.11
CA LEU C 17 -16.40 23.22 -1.54
C LEU C 17 -14.99 23.21 -2.13
N HIS C 18 -14.85 22.57 -3.30
CA HIS C 18 -13.60 22.63 -4.03
C HIS C 18 -13.24 24.08 -4.32
N ALA C 19 -11.97 24.42 -4.12
CA ALA C 19 -11.50 25.80 -4.27
C ALA C 19 -10.56 25.93 -5.46
N PHE C 20 -10.88 26.87 -6.35
CA PHE C 20 -10.03 27.25 -7.47
C PHE C 20 -10.00 28.77 -7.53
N PRO C 21 -9.05 29.36 -8.27
CA PRO C 21 -9.03 30.82 -8.37
C PRO C 21 -10.39 31.38 -8.75
N GLY C 22 -10.97 32.20 -7.88
CA GLY C 22 -12.22 32.84 -8.17
C GLY C 22 -13.47 32.01 -8.00
N ILE C 23 -13.34 30.73 -7.66
CA ILE C 23 -14.49 29.83 -7.67
C ILE C 23 -14.45 28.87 -6.49
N SER C 24 -15.62 28.67 -5.87
CA SER C 24 -15.88 27.52 -5.00
C SER C 24 -16.98 26.70 -5.66
N SER C 25 -16.72 25.40 -5.84
CA SER C 25 -17.56 24.55 -6.69
C SER C 25 -17.85 23.24 -6.00
N THR C 26 -18.94 22.59 -6.44
CA THR C 26 -19.30 21.26 -5.93
C THR C 26 -18.63 20.15 -6.73
N VAL C 27 -17.97 20.46 -7.84
CA VAL C 27 -17.21 19.50 -8.62
C VAL C 27 -15.81 20.08 -8.86
N ALA C 28 -14.87 19.19 -9.12
CA ALA C 28 -13.50 19.55 -9.47
C ALA C 28 -13.23 19.03 -10.88
N ASN C 29 -13.42 19.90 -11.86
CA ASN C 29 -13.22 19.54 -13.26
C ASN C 29 -11.77 19.79 -13.69
N ASP C 30 -11.26 18.90 -14.53
CA ASP C 30 -9.90 19.01 -15.06
C ASP C 30 -10.00 19.81 -16.36
N VAL C 31 -9.76 21.10 -16.28
CA VAL C 31 -10.00 21.99 -17.40
C VAL C 31 -8.80 22.03 -18.34
N ARG C 32 -7.80 21.20 -18.07
CA ARG C 32 -6.66 21.10 -18.98
C ARG C 32 -7.03 20.45 -20.32
N LYS C 33 -8.07 19.64 -20.36
CA LYS C 33 -8.33 18.79 -21.50
C LYS C 33 -9.20 19.44 -22.56
N TYR C 34 -9.71 20.65 -22.32
CA TYR C 34 -10.59 21.31 -23.27
C TYR C 34 -9.79 22.13 -24.27
N SER C 35 -10.13 22.02 -25.55
CA SER C 35 -9.60 22.88 -26.58
C SER C 35 -10.59 23.94 -27.06
N VAL C 36 -11.87 23.80 -26.71
CA VAL C 36 -12.91 24.74 -27.11
C VAL C 36 -13.95 24.80 -26.00
N VAL C 37 -14.52 25.98 -25.80
CA VAL C 37 -15.57 26.19 -24.79
C VAL C 37 -16.66 27.06 -25.42
N SER C 38 -17.72 27.29 -24.66
CA SER C 38 -18.85 28.07 -25.13
C SER C 38 -19.33 28.98 -24.01
N VAL C 39 -19.72 30.19 -24.38
CA VAL C 39 -20.34 31.14 -23.48
C VAL C 39 -21.50 31.79 -24.22
N TYR C 40 -22.72 31.59 -23.74
CA TYR C 40 -23.92 32.19 -24.33
C TYR C 40 -24.01 31.90 -25.83
N ASN C 41 -23.79 30.65 -26.18
CA ASN C 41 -23.94 30.18 -27.56
C ASN C 41 -22.93 30.81 -28.51
N LYS C 42 -21.74 31.14 -28.02
CA LYS C 42 -20.62 31.51 -28.86
C LYS C 42 -19.41 30.66 -28.49
N LYS C 43 -18.72 30.15 -29.50
CA LYS C 43 -17.59 29.25 -29.31
C LYS C 43 -16.27 30.03 -29.27
N TYR C 44 -15.37 29.58 -28.41
CA TYR C 44 -14.05 30.18 -28.26
C TYR C 44 -13.02 29.06 -28.11
N ASN C 45 -11.83 29.29 -28.66
CA ASN C 45 -10.75 28.33 -28.61
C ASN C 45 -9.83 28.60 -27.42
N ILE C 46 -9.40 27.54 -26.76
CA ILE C 46 -8.40 27.65 -25.71
C ILE C 46 -7.05 27.92 -26.35
N VAL C 47 -6.27 28.80 -25.75
CA VAL C 47 -4.95 29.14 -26.27
C VAL C 47 -3.99 27.99 -25.94
N LYS C 48 -3.19 27.61 -26.93
CA LYS C 48 -2.22 26.53 -26.76
C LYS C 48 -0.91 27.07 -26.21
N ASN C 49 -0.37 26.41 -25.19
CA ASN C 49 0.99 26.64 -24.69
C ASN C 49 1.17 28.01 -24.06
N LYS C 50 0.08 28.70 -23.72
CA LYS C 50 0.16 29.93 -22.94
C LYS C 50 -1.07 29.96 -22.03
N TYR C 51 -0.88 30.42 -20.81
CA TYR C 51 -1.87 30.28 -19.74
C TYR C 51 -2.01 31.59 -19.01
N MET C 52 -2.83 31.59 -17.96
CA MET C 52 -3.06 32.79 -17.17
C MET C 52 -2.95 32.45 -15.70
N TRP C 53 -2.08 33.17 -14.99
CA TRP C 53 -1.94 32.99 -13.55
C TRP C 53 -3.02 33.79 -12.83
N CYS C 54 -3.91 33.10 -12.14
CA CYS C 54 -5.04 33.72 -11.47
C CYS C 54 -5.05 33.34 -10.00
N ASN C 55 -5.55 34.25 -9.17
CA ASN C 55 -5.68 33.97 -7.76
C ASN C 55 -6.90 34.68 -7.19
N SER C 56 -7.50 34.06 -6.18
CA SER C 56 -8.41 34.75 -5.27
C SER C 56 -7.84 34.65 -3.87
N GLN C 57 -8.12 35.67 -3.07
CA GLN C 57 -7.64 35.76 -1.69
C GLN C 57 -8.85 35.97 -0.79
N VAL C 58 -9.14 34.97 0.03
CA VAL C 58 -10.30 34.97 0.91
C VAL C 58 -9.89 34.42 2.26
N ASN C 59 -10.28 35.10 3.33
CA ASN C 59 -10.11 34.59 4.69
C ASN C 59 -8.65 34.16 4.94
N LYS C 60 -7.73 35.06 4.58
CA LYS C 60 -6.30 34.84 4.75
C LYS C 60 -5.82 33.59 4.02
N ARG C 61 -6.54 33.17 3.00
CA ARG C 61 -6.16 32.07 2.13
C ARG C 61 -5.88 32.61 0.73
N TYR C 62 -4.77 32.18 0.13
CA TYR C 62 -4.42 32.50 -1.24
C TYR C 62 -4.57 31.24 -2.09
N ILE C 63 -5.33 31.37 -3.18
CA ILE C 63 -5.67 30.27 -4.06
C ILE C 63 -5.24 30.68 -5.47
N GLY C 64 -4.04 30.30 -5.87
CA GLY C 64 -3.49 30.71 -7.15
C GLY C 64 -3.11 29.50 -8.00
N ALA C 65 -3.18 29.69 -9.31
CA ALA C 65 -2.95 28.59 -10.24
C ALA C 65 -2.81 29.12 -11.66
N LEU C 66 -1.98 28.42 -12.44
CA LEU C 66 -1.96 28.61 -13.89
C LEU C 66 -3.19 27.96 -14.49
N LEU C 67 -3.96 28.72 -15.28
CA LEU C 67 -5.20 28.21 -15.82
C LEU C 67 -5.21 28.31 -17.35
N PRO C 68 -5.92 27.42 -18.02
CA PRO C 68 -6.17 27.63 -19.45
C PRO C 68 -6.95 28.93 -19.65
N MET C 69 -6.73 29.55 -20.80
CA MET C 69 -7.48 30.73 -21.18
C MET C 69 -7.95 30.57 -22.62
N PHE C 70 -9.10 31.16 -22.90
CA PHE C 70 -9.67 31.15 -24.25
C PHE C 70 -9.75 32.58 -24.76
N GLU C 71 -9.62 32.72 -26.08
CA GLU C 71 -9.62 34.03 -26.71
C GLU C 71 -11.04 34.39 -27.10
N CYS C 72 -11.46 35.61 -26.75
CA CYS C 72 -12.84 36.03 -26.92
C CYS C 72 -12.88 37.55 -27.03
N ASN C 73 -13.40 38.05 -28.16
CA ASN C 73 -13.50 39.49 -28.37
C ASN C 73 -14.65 40.13 -27.60
N GLU C 74 -15.68 39.37 -27.26
CA GLU C 74 -16.79 39.93 -26.49
C GLU C 74 -16.34 40.19 -25.05
N TYR C 75 -16.95 41.20 -24.44
CA TYR C 75 -16.72 41.45 -23.02
C TYR C 75 -17.63 40.53 -22.20
N LEU C 76 -17.03 39.64 -21.43
CA LEU C 76 -17.75 38.74 -20.54
C LEU C 76 -17.61 39.23 -19.10
N GLN C 77 -18.52 38.78 -18.25
CA GLN C 77 -18.60 39.24 -16.88
C GLN C 77 -18.44 38.08 -15.91
N ILE C 78 -17.94 38.41 -14.71
CA ILE C 78 -17.76 37.41 -13.67
C ILE C 78 -19.07 36.68 -13.45
N GLY C 79 -19.01 35.34 -13.46
CA GLY C 79 -20.16 34.50 -13.23
C GLY C 79 -20.84 33.98 -14.48
N ASP C 80 -20.56 34.55 -15.65
CA ASP C 80 -21.14 34.00 -16.87
C ASP C 80 -20.79 32.52 -16.96
N PRO C 81 -21.76 31.62 -17.10
CA PRO C 81 -21.45 30.20 -17.21
C PRO C 81 -20.62 29.88 -18.43
N ILE C 82 -19.68 28.95 -18.25
CA ILE C 82 -18.81 28.46 -19.30
C ILE C 82 -19.10 26.98 -19.50
N HIS C 83 -19.34 26.57 -20.74
CA HIS C 83 -19.71 25.21 -21.06
C HIS C 83 -18.70 24.62 -22.01
N ASP C 84 -18.67 23.29 -22.07
CA ASP C 84 -18.04 22.58 -23.18
C ASP C 84 -19.00 22.56 -24.36
N LEU C 85 -18.59 21.92 -25.45
CA LEU C 85 -19.46 21.88 -26.63
C LEU C 85 -20.57 20.85 -26.52
N GLU C 86 -20.57 20.02 -25.47
CA GLU C 86 -21.68 19.10 -25.24
C GLU C 86 -22.81 19.71 -24.42
N GLY C 87 -22.65 20.92 -23.93
CA GLY C 87 -23.68 21.59 -23.17
C GLY C 87 -23.50 21.57 -21.66
N ASN C 88 -22.56 20.77 -21.16
CA ASN C 88 -22.31 20.73 -19.72
C ASN C 88 -21.59 22.00 -19.27
N GLN C 89 -22.05 22.58 -18.17
CA GLN C 89 -21.35 23.71 -17.58
C GLN C 89 -20.12 23.21 -16.84
N ILE C 90 -18.97 23.82 -17.12
CA ILE C 90 -17.71 23.38 -16.55
C ILE C 90 -17.04 24.41 -15.67
N SER C 91 -17.46 25.67 -15.74
CA SER C 91 -16.79 26.75 -15.01
C SER C 91 -17.68 27.99 -15.10
N ILE C 92 -17.17 29.10 -14.55
CA ILE C 92 -17.75 30.43 -14.71
C ILE C 92 -16.62 31.38 -15.05
N VAL C 93 -16.98 32.51 -15.66
CA VAL C 93 -16.00 33.54 -16.00
C VAL C 93 -15.45 34.14 -14.72
N THR C 94 -14.13 34.18 -14.60
CA THR C 94 -13.49 34.75 -13.42
C THR C 94 -12.58 35.94 -13.71
N TYR C 95 -11.60 35.77 -14.59
CA TYR C 95 -10.56 36.77 -14.80
C TYR C 95 -10.32 36.93 -16.29
N ARG C 96 -9.88 38.13 -16.70
N ARG C 96 -9.85 38.13 -16.68
CA ARG C 96 -9.58 38.39 -18.09
CA ARG C 96 -9.59 38.44 -18.08
C ARG C 96 -8.27 39.15 -18.22
C ARG C 96 -8.25 39.16 -18.22
N HIS C 97 -7.62 38.96 -19.38
CA HIS C 97 -6.45 39.74 -19.77
C HIS C 97 -6.74 40.19 -21.20
N LYS C 98 -7.21 41.44 -21.36
CA LYS C 98 -7.65 41.92 -22.65
C LYS C 98 -8.69 40.95 -23.21
N ASN C 99 -8.37 40.26 -24.29
CA ASN C 99 -9.30 39.32 -24.90
C ASN C 99 -9.03 37.88 -24.52
N TYR C 100 -8.23 37.65 -23.48
CA TYR C 100 -8.01 36.33 -22.91
C TYR C 100 -8.87 36.19 -21.66
N TYR C 101 -9.54 35.05 -21.53
CA TYR C 101 -10.37 34.75 -20.37
C TYR C 101 -9.93 33.45 -19.73
N ALA C 102 -9.70 33.49 -18.41
CA ALA C 102 -9.29 32.29 -17.68
C ALA C 102 -10.42 31.27 -17.64
N LEU C 103 -10.03 29.99 -17.69
CA LEU C 103 -10.94 28.86 -17.50
C LEU C 103 -10.57 28.20 -16.18
N SER C 104 -11.30 28.55 -15.12
CA SER C 104 -10.89 28.16 -13.78
C SER C 104 -11.44 26.79 -13.39
N GLY C 105 -10.58 26.01 -12.75
CA GLY C 105 -10.85 24.64 -12.35
C GLY C 105 -9.53 24.01 -11.94
N ILE C 106 -9.45 22.69 -12.07
CA ILE C 106 -8.15 22.05 -11.94
C ILE C 106 -7.31 22.38 -13.16
N GLY C 107 -6.19 23.07 -12.95
CA GLY C 107 -5.35 23.45 -14.04
C GLY C 107 -3.93 22.94 -13.94
N TYR C 108 -3.01 23.83 -14.22
CA TYR C 108 -1.57 23.49 -14.14
C TYR C 108 -1.02 23.87 -12.77
N GLU C 109 0.23 24.29 -12.73
CA GLU C 109 0.88 24.57 -11.43
C GLU C 109 -0.01 25.45 -10.56
N SER C 110 -0.13 25.10 -9.28
CA SER C 110 -0.95 25.86 -8.36
C SER C 110 -0.15 26.23 -7.13
N LEU C 111 -0.52 27.34 -6.51
CA LEU C 111 0.08 27.78 -5.26
C LEU C 111 -1.05 28.07 -4.29
N ASP C 112 -1.07 27.34 -3.18
CA ASP C 112 -1.98 27.54 -2.07
C ASP C 112 -1.15 27.97 -0.87
N LEU C 113 -1.56 29.04 -0.21
CA LEU C 113 -0.73 29.67 0.80
C LEU C 113 -1.57 30.31 1.87
N CYS C 114 -1.15 30.11 3.13
CA CYS C 114 -1.73 30.86 4.24
C CYS C 114 -1.07 32.23 4.30
N LEU C 115 -1.86 33.29 4.23
CA LEU C 115 -1.35 34.64 4.17
C LEU C 115 -1.06 35.23 5.54
N GLU C 116 -1.28 34.48 6.61
CA GLU C 116 -0.98 34.98 7.95
C GLU C 116 0.49 35.37 8.07
N GLY C 117 0.74 36.67 8.27
CA GLY C 117 2.08 37.16 8.48
C GLY C 117 2.94 37.38 7.26
N VAL C 118 2.41 37.19 6.05
CA VAL C 118 3.17 37.40 4.84
C VAL C 118 2.34 38.17 3.84
N GLY C 119 3.03 38.86 2.92
CA GLY C 119 2.39 39.44 1.76
C GLY C 119 2.71 38.63 0.52
N ILE C 120 1.91 38.79 -0.53
CA ILE C 120 2.17 38.17 -1.83
C ILE C 120 1.90 39.20 -2.91
N HIS C 121 2.74 39.20 -3.94
CA HIS C 121 2.71 40.23 -4.97
C HIS C 121 3.02 39.60 -6.32
N HIS C 122 2.43 40.18 -7.37
CA HIS C 122 2.50 39.60 -8.71
C HIS C 122 3.11 40.60 -9.68
N HIS C 123 3.95 40.08 -10.57
CA HIS C 123 4.73 40.90 -11.49
C HIS C 123 4.75 40.28 -12.88
N VAL C 124 4.63 41.13 -13.89
CA VAL C 124 4.89 40.71 -15.26
C VAL C 124 6.40 40.63 -15.45
N LEU C 125 6.91 39.45 -15.77
CA LEU C 125 8.33 39.24 -15.93
C LEU C 125 8.75 39.52 -17.38
N GLU C 126 9.60 40.52 -17.55
CA GLU C 126 10.07 40.90 -18.89
C GLU C 126 10.96 39.81 -19.45
N THR C 127 10.72 39.43 -20.70
CA THR C 127 11.53 38.38 -21.32
C THR C 127 13.00 38.81 -21.35
N GLY C 128 13.86 37.92 -20.90
CA GLY C 128 15.27 38.18 -20.82
C GLY C 128 15.74 38.77 -19.51
N ASN C 129 14.82 39.30 -18.71
CA ASN C 129 15.17 39.80 -17.39
C ASN C 129 15.40 38.64 -16.42
N ALA C 130 16.25 38.89 -15.43
CA ALA C 130 16.43 37.99 -14.31
C ALA C 130 15.74 38.58 -13.08
N VAL C 131 15.69 37.78 -12.03
CA VAL C 131 15.05 38.16 -10.78
C VAL C 131 16.00 37.87 -9.63
N TYR C 132 15.97 38.73 -8.62
CA TYR C 132 16.54 38.40 -7.31
C TYR C 132 15.55 38.88 -6.25
N GLY C 133 14.99 37.96 -5.49
CA GLY C 133 14.14 38.37 -4.39
C GLY C 133 12.91 39.07 -4.87
N LYS C 134 12.81 40.38 -4.56
CA LYS C 134 11.61 41.15 -4.87
C LYS C 134 11.74 42.02 -6.11
N VAL C 135 12.86 41.94 -6.84
CA VAL C 135 13.07 42.81 -8.00
C VAL C 135 13.42 41.99 -9.22
N GLN C 136 13.10 42.54 -10.38
CA GLN C 136 13.59 42.07 -11.67
C GLN C 136 14.42 43.18 -12.32
N HIS C 137 15.35 42.79 -13.16
CA HIS C 137 16.15 43.74 -13.95
C HIS C 137 16.94 42.94 -14.98
N GLU C 138 17.79 43.65 -15.73
CA GLU C 138 18.72 42.99 -16.63
C GLU C 138 19.63 42.04 -15.85
N TYR C 139 20.04 40.95 -16.50
CA TYR C 139 20.82 39.94 -15.80
C TYR C 139 22.06 40.53 -15.14
N SER C 140 22.76 41.42 -15.84
CA SER C 140 23.99 41.98 -15.30
C SER C 140 23.72 42.73 -13.99
N THR C 141 22.65 43.52 -13.98
CA THR C 141 22.29 44.24 -12.76
C THR C 141 21.81 43.27 -11.68
N ILE C 142 21.01 42.26 -12.05
CA ILE C 142 20.58 41.28 -11.07
C ILE C 142 21.78 40.52 -10.51
N LYS C 143 22.71 40.14 -11.38
CA LYS C 143 23.89 39.41 -10.89
C LYS C 143 24.65 40.24 -9.86
N GLU C 144 24.74 41.55 -10.08
CA GLU C 144 25.40 42.42 -9.10
C GLU C 144 24.60 42.50 -7.80
N LYS C 145 23.27 42.55 -7.91
CA LYS C 145 22.43 42.57 -6.71
C LYS C 145 22.64 41.32 -5.87
N ALA C 146 22.72 40.15 -6.51
CA ALA C 146 22.89 38.91 -5.76
C ALA C 146 24.20 38.92 -4.98
N LYS C 147 25.27 39.45 -5.59
CA LYS C 147 26.56 39.51 -4.90
C LYS C 147 26.47 40.34 -3.64
N GLU C 148 25.77 41.47 -3.70
CA GLU C 148 25.64 42.33 -2.52
C GLU C 148 24.86 41.63 -1.42
N MET C 149 23.82 40.89 -1.79
CA MET C 149 22.94 40.23 -0.83
C MET C 149 23.47 38.90 -0.35
N ASN C 150 24.50 38.35 -1.00
CA ASN C 150 24.97 37.02 -0.65
C ASN C 150 25.55 36.97 0.76
N ALA C 151 26.07 38.09 1.25
CA ALA C 151 26.67 38.11 2.58
C ALA C 151 25.63 38.04 3.69
N LEU C 152 24.42 38.55 3.43
CA LEU C 152 23.43 38.66 4.49
C LEU C 152 23.07 37.30 5.07
N LYS C 153 22.88 37.26 6.37
CA LYS C 153 22.41 36.06 7.05
C LYS C 153 20.91 35.91 6.85
N PRO C 154 20.43 34.79 6.31
CA PRO C 154 19.00 34.70 5.98
C PRO C 154 18.12 34.74 7.22
N GLY C 155 16.90 35.25 7.02
CA GLY C 155 15.88 35.22 8.03
C GLY C 155 14.61 34.57 7.51
N PRO C 156 13.57 34.53 8.35
CA PRO C 156 12.31 33.91 7.92
C PRO C 156 11.67 34.64 6.74
N ILE C 157 11.00 33.86 5.89
CA ILE C 157 10.26 34.43 4.77
C ILE C 157 9.17 35.35 5.28
N ILE C 158 9.03 36.51 4.62
CA ILE C 158 7.97 37.46 4.93
C ILE C 158 7.12 37.83 3.72
N ASP C 159 7.61 37.64 2.50
CA ASP C 159 6.86 38.05 1.32
C ASP C 159 7.11 37.07 0.18
N TYR C 160 6.07 36.86 -0.61
CA TYR C 160 6.08 35.98 -1.76
C TYR C 160 5.96 36.84 -3.02
N HIS C 161 6.70 36.49 -4.06
CA HIS C 161 6.69 37.24 -5.30
C HIS C 161 6.52 36.28 -6.46
N VAL C 162 5.47 36.52 -7.25
CA VAL C 162 5.11 35.67 -8.38
C VAL C 162 5.46 36.42 -9.65
N TRP C 163 6.22 35.75 -10.52
CA TRP C 163 6.79 36.37 -11.71
C TRP C 163 6.26 35.61 -12.92
N ILE C 164 5.44 36.28 -13.73
CA ILE C 164 4.73 35.61 -14.81
C ILE C 164 5.35 36.10 -16.11
N GLY C 165 6.00 35.18 -16.85
CA GLY C 165 6.65 35.52 -18.10
C GLY C 165 6.12 34.69 -19.25
N ASP C 166 6.54 35.08 -20.46
CA ASP C 166 6.17 34.37 -21.68
C ASP C 166 6.89 33.04 -21.81
N CYS C 167 8.06 32.91 -21.18
CA CYS C 167 8.87 31.71 -21.32
C CYS C 167 9.04 30.94 -20.02
N VAL C 168 8.84 31.58 -18.86
CA VAL C 168 8.97 30.89 -17.58
C VAL C 168 8.15 31.65 -16.55
N CYS C 169 7.70 30.93 -15.53
CA CYS C 169 7.05 31.52 -14.37
C CYS C 169 7.85 31.15 -13.13
N GLN C 170 7.81 32.05 -12.16
CA GLN C 170 8.60 31.80 -10.95
C GLN C 170 7.97 32.39 -9.69
N VAL C 171 8.24 31.75 -8.57
CA VAL C 171 7.89 32.28 -7.26
C VAL C 171 9.18 32.46 -6.48
N THR C 172 9.41 33.67 -5.97
CA THR C 172 10.52 33.92 -5.08
C THR C 172 9.99 34.36 -3.71
N THR C 173 10.84 34.25 -2.70
CA THR C 173 10.51 34.67 -1.35
C THR C 173 11.68 35.44 -0.78
N VAL C 174 11.38 36.41 0.10
CA VAL C 174 12.40 37.26 0.71
C VAL C 174 12.15 37.36 2.20
N ASP C 175 13.22 37.68 2.93
CA ASP C 175 13.15 38.03 4.34
C ASP C 175 13.07 39.56 4.47
N VAL C 176 13.17 40.05 5.72
CA VAL C 176 13.02 41.49 5.95
C VAL C 176 14.07 42.27 5.16
N HIS C 177 15.31 41.77 5.12
CA HIS C 177 16.38 42.47 4.43
C HIS C 177 16.25 42.38 2.92
N GLY C 178 15.35 41.56 2.40
CA GLY C 178 15.20 41.38 0.97
C GLY C 178 16.08 40.30 0.39
N LYS C 179 16.74 39.50 1.23
CA LYS C 179 17.50 38.36 0.73
C LYS C 179 16.55 37.28 0.21
N GLU C 180 16.88 36.71 -0.95
CA GLU C 180 16.04 35.67 -1.52
C GLU C 180 16.25 34.37 -0.75
N ILE C 181 15.17 33.79 -0.24
CA ILE C 181 15.25 32.60 0.58
C ILE C 181 14.99 31.33 -0.23
N MET C 182 14.02 31.39 -1.15
CA MET C 182 13.55 30.21 -1.86
C MET C 182 13.00 30.64 -3.19
N ARG C 183 13.20 29.80 -4.20
CA ARG C 183 12.63 30.07 -5.52
C ARG C 183 12.13 28.77 -6.14
N MET C 184 10.96 28.85 -6.78
CA MET C 184 10.40 27.77 -7.58
C MET C 184 10.15 28.27 -8.99
N ARG C 185 10.49 27.45 -9.98
CA ARG C 185 10.28 27.78 -11.38
C ARG C 185 9.23 26.84 -11.99
N PHE C 186 8.36 27.41 -12.82
CA PHE C 186 7.42 26.65 -13.62
C PHE C 186 7.78 26.85 -15.09
N LYS C 187 7.89 25.75 -15.82
CA LYS C 187 8.30 25.82 -17.22
C LYS C 187 7.08 25.92 -18.15
N ARG C 188 6.37 27.04 -17.99
CA ARG C 188 5.25 27.38 -18.85
C ARG C 188 5.20 28.90 -19.01
N GLY C 189 4.62 29.35 -20.11
CA GLY C 189 4.40 30.76 -20.35
C GLY C 189 2.98 31.16 -20.01
N ALA C 190 2.81 32.41 -19.59
CA ALA C 190 1.49 32.85 -19.15
C ALA C 190 1.44 34.37 -19.06
N VAL C 191 0.23 34.87 -18.77
CA VAL C 191 -0.03 36.28 -18.55
C VAL C 191 -0.74 36.43 -17.21
N LEU C 192 -0.75 37.66 -16.69
CA LEU C 192 -1.52 38.00 -15.50
C LEU C 192 -2.83 38.68 -15.88
N PRO C 193 -3.87 38.56 -15.06
CA PRO C 193 -5.10 39.31 -15.32
C PRO C 193 -4.84 40.81 -15.27
N ILE C 194 -5.61 41.55 -16.04
CA ILE C 194 -5.55 43.01 -16.03
C ILE C 194 -6.88 43.52 -15.47
N PRO C 195 -6.88 44.19 -14.31
CA PRO C 195 -8.11 44.76 -13.74
C PRO C 195 -8.91 45.58 -14.75
N ALA D 3 33.23 22.43 -22.66
CA ALA D 3 32.15 22.00 -21.76
C ALA D 3 32.72 21.25 -20.55
N MET D 4 32.56 21.82 -19.36
CA MET D 4 33.04 21.22 -18.13
C MET D 4 31.85 20.95 -17.21
N PHE D 5 31.78 19.75 -16.66
CA PHE D 5 30.74 19.38 -15.71
C PHE D 5 31.44 18.74 -14.51
N TYR D 6 31.23 19.31 -13.33
CA TYR D 6 31.82 18.79 -12.10
C TYR D 6 30.71 18.22 -11.22
N ALA D 7 31.01 17.13 -10.53
CA ALA D 7 30.03 16.39 -9.76
C ALA D 7 30.03 16.88 -8.31
N HIS D 8 28.87 17.33 -7.83
CA HIS D 8 28.75 17.70 -6.43
C HIS D 8 29.11 16.53 -5.52
N ALA D 9 28.82 15.30 -5.94
CA ALA D 9 29.14 14.14 -5.12
C ALA D 9 30.63 14.08 -4.78
N PHE D 10 31.49 14.56 -5.68
CA PHE D 10 32.93 14.50 -5.51
C PHE D 10 33.52 15.85 -5.15
N GLY D 11 32.73 16.74 -4.55
CA GLY D 11 33.22 18.04 -4.14
C GLY D 11 33.43 19.02 -5.27
N GLY D 12 32.78 18.81 -6.41
CA GLY D 12 32.87 19.69 -7.55
C GLY D 12 31.95 20.89 -7.56
N TYR D 13 31.22 21.15 -6.49
CA TYR D 13 30.32 22.28 -6.48
C TYR D 13 31.12 23.58 -6.56
N ASP D 14 30.61 24.53 -7.34
CA ASP D 14 31.27 25.81 -7.55
C ASP D 14 30.18 26.86 -7.71
N GLU D 15 30.03 27.74 -6.71
CA GLU D 15 28.92 28.68 -6.68
C GLU D 15 28.98 29.69 -7.83
N ASN D 16 30.13 29.84 -8.48
CA ASN D 16 30.24 30.76 -9.61
C ASN D 16 29.88 30.09 -10.93
N LEU D 17 29.59 28.80 -10.92
CA LEU D 17 29.17 28.06 -12.10
C LEU D 17 27.68 27.78 -12.07
N HIS D 18 27.14 27.42 -13.23
CA HIS D 18 25.74 27.04 -13.30
C HIS D 18 25.46 25.86 -12.37
N ALA D 19 24.33 25.93 -11.68
CA ALA D 19 23.99 24.97 -10.64
C ALA D 19 22.80 24.13 -11.09
N PHE D 20 22.97 22.82 -11.08
CA PHE D 20 21.89 21.89 -11.38
C PHE D 20 22.02 20.73 -10.40
N PRO D 21 20.96 19.93 -10.23
CA PRO D 21 21.09 18.78 -9.30
C PRO D 21 22.30 17.92 -9.63
N GLY D 22 23.25 17.88 -8.69
CA GLY D 22 24.42 17.05 -8.83
C GLY D 22 25.54 17.60 -9.69
N ILE D 23 25.35 18.74 -10.37
CA ILE D 23 26.32 19.23 -11.34
C ILE D 23 26.59 20.71 -11.12
N SER D 24 27.86 21.10 -11.23
CA SER D 24 28.28 22.50 -11.44
C SER D 24 28.97 22.55 -12.79
N SER D 25 28.42 23.33 -13.71
CA SER D 25 28.88 23.32 -15.09
C SER D 25 29.21 24.73 -15.57
N THR D 26 30.15 24.79 -16.52
CA THR D 26 30.46 26.03 -17.21
C THR D 26 29.42 26.39 -18.27
N VAL D 27 28.49 25.49 -18.56
CA VAL D 27 27.43 25.72 -19.53
C VAL D 27 26.09 25.41 -18.86
N ALA D 28 25.03 25.90 -19.49
CA ALA D 28 23.65 25.72 -19.01
C ALA D 28 22.83 25.19 -20.19
N ASN D 29 22.77 23.86 -20.31
CA ASN D 29 22.07 23.23 -21.42
C ASN D 29 20.61 22.96 -21.06
N ASP D 30 19.72 23.23 -22.00
CA ASP D 30 18.31 22.92 -21.85
C ASP D 30 18.13 21.46 -22.24
N VAL D 31 18.02 20.57 -21.25
CA VAL D 31 17.98 19.14 -21.51
C VAL D 31 16.58 18.65 -21.83
N ARG D 32 15.58 19.54 -21.82
CA ARG D 32 14.23 19.14 -22.21
C ARG D 32 14.14 18.77 -23.69
N LYS D 33 15.08 19.24 -24.51
CA LYS D 33 15.01 19.11 -25.96
C LYS D 33 15.57 17.81 -26.49
N TYR D 34 16.05 16.91 -25.63
CA TYR D 34 16.70 15.68 -26.06
C TYR D 34 15.76 14.50 -25.92
N SER D 35 15.66 13.70 -26.99
CA SER D 35 14.90 12.47 -26.96
C SER D 35 15.81 11.24 -26.87
N VAL D 36 17.07 11.37 -27.28
CA VAL D 36 18.02 10.26 -27.26
C VAL D 36 19.36 10.81 -26.81
N VAL D 37 20.04 10.06 -25.94
CA VAL D 37 21.34 10.44 -25.40
C VAL D 37 22.29 9.26 -25.56
N SER D 38 23.58 9.55 -25.45
CA SER D 38 24.62 8.54 -25.63
C SER D 38 25.54 8.54 -24.42
N VAL D 39 25.84 7.34 -23.90
CA VAL D 39 26.80 7.15 -22.84
C VAL D 39 27.75 6.05 -23.30
N TYR D 40 29.04 6.39 -23.41
CA TYR D 40 30.04 5.42 -23.86
C TYR D 40 29.62 4.79 -25.19
N ASN D 41 29.11 5.62 -26.09
CA ASN D 41 28.71 5.25 -27.44
C ASN D 41 27.47 4.36 -27.49
N LYS D 42 26.80 4.12 -26.36
CA LYS D 42 25.53 3.41 -26.34
C LYS D 42 24.39 4.42 -26.26
N LYS D 43 23.36 4.21 -27.07
CA LYS D 43 22.24 5.13 -27.19
C LYS D 43 21.09 4.70 -26.29
N TYR D 44 20.48 5.67 -25.61
CA TYR D 44 19.40 5.41 -24.68
C TYR D 44 18.29 6.43 -24.89
N ASN D 45 17.05 5.96 -24.80
CA ASN D 45 15.89 6.78 -25.10
C ASN D 45 15.44 7.53 -23.85
N ILE D 46 15.15 8.82 -24.01
CA ILE D 46 14.60 9.62 -22.91
C ILE D 46 13.14 9.22 -22.70
N VAL D 47 12.76 9.04 -21.44
CA VAL D 47 11.40 8.64 -21.11
C VAL D 47 10.45 9.82 -21.31
N LYS D 48 9.33 9.57 -21.98
CA LYS D 48 8.38 10.64 -22.28
C LYS D 48 7.40 10.82 -21.13
N ASN D 49 7.18 12.08 -20.76
CA ASN D 49 6.10 12.47 -19.86
C ASN D 49 6.24 11.87 -18.47
N LYS D 50 7.44 11.45 -18.08
CA LYS D 50 7.70 11.07 -16.71
C LYS D 50 9.16 11.44 -16.42
N TYR D 51 9.42 11.91 -15.22
CA TYR D 51 10.67 12.60 -14.90
C TYR D 51 11.22 12.09 -13.57
N MET D 52 12.34 12.66 -13.16
CA MET D 52 13.00 12.29 -11.92
C MET D 52 13.29 13.56 -11.13
N TRP D 53 12.77 13.62 -9.90
CA TRP D 53 13.07 14.73 -9.01
C TRP D 53 14.43 14.48 -8.35
N CYS D 54 15.41 15.31 -8.67
CA CYS D 54 16.74 15.15 -8.14
C CYS D 54 17.14 16.41 -7.37
N ASN D 55 18.02 16.24 -6.39
CA ASN D 55 18.52 17.36 -5.63
C ASN D 55 19.94 17.08 -5.17
N SER D 56 20.72 18.15 -5.04
CA SER D 56 21.95 18.14 -4.28
C SER D 56 21.86 19.21 -3.21
N GLN D 57 22.56 18.97 -2.11
CA GLN D 57 22.61 19.90 -0.97
C GLN D 57 24.07 20.17 -0.65
N VAL D 58 24.50 21.42 -0.88
CA VAL D 58 25.89 21.81 -0.68
C VAL D 58 25.93 23.23 -0.17
N ASN D 59 26.72 23.47 0.88
CA ASN D 59 26.93 24.81 1.42
C ASN D 59 25.62 25.46 1.85
N LYS D 60 24.77 24.68 2.51
CA LYS D 60 23.47 25.13 2.97
C LYS D 60 22.54 25.54 1.82
N ARG D 61 22.81 25.07 0.61
CA ARG D 61 22.03 25.39 -0.57
C ARG D 61 21.42 24.11 -1.14
N TYR D 62 20.12 24.15 -1.37
CA TYR D 62 19.36 23.03 -1.95
C TYR D 62 19.08 23.34 -3.41
N ILE D 63 19.44 22.40 -4.29
CA ILE D 63 19.29 22.55 -5.73
C ILE D 63 18.47 21.38 -6.23
N GLY D 64 17.17 21.57 -6.40
CA GLY D 64 16.26 20.51 -6.81
C GLY D 64 15.51 20.86 -8.07
N ALA D 65 15.24 19.83 -8.88
CA ALA D 65 14.49 20.05 -10.12
C ALA D 65 13.95 18.73 -10.63
N LEU D 66 12.90 18.84 -11.45
CA LEU D 66 12.41 17.72 -12.23
C LEU D 66 13.25 17.61 -13.50
N LEU D 67 13.90 16.46 -13.68
CA LEU D 67 14.84 16.29 -14.77
C LEU D 67 14.37 15.21 -15.73
N PRO D 68 14.68 15.34 -17.02
CA PRO D 68 14.49 14.21 -17.93
C PRO D 68 15.31 13.02 -17.45
N MET D 69 14.87 11.83 -17.83
CA MET D 69 15.57 10.60 -17.45
C MET D 69 15.50 9.63 -18.63
N PHE D 70 16.61 8.94 -18.87
CA PHE D 70 16.70 7.97 -19.95
C PHE D 70 16.82 6.58 -19.36
N GLU D 71 16.37 5.59 -20.12
CA GLU D 71 16.25 4.22 -19.67
C GLU D 71 17.49 3.44 -20.13
N CYS D 72 18.19 2.84 -19.18
CA CYS D 72 19.44 2.13 -19.48
C CYS D 72 19.55 0.96 -18.53
N ASN D 73 19.72 -0.25 -19.10
CA ASN D 73 19.83 -1.45 -18.28
C ASN D 73 21.25 -1.67 -17.77
N GLU D 74 22.25 -1.04 -18.38
CA GLU D 74 23.60 -1.13 -17.85
C GLU D 74 23.72 -0.27 -16.61
N TYR D 75 24.66 -0.64 -15.76
CA TYR D 75 24.95 0.16 -14.57
C TYR D 75 25.87 1.31 -14.94
N LEU D 76 25.47 2.53 -14.60
CA LEU D 76 26.26 3.71 -14.86
C LEU D 76 26.58 4.40 -13.53
N GLN D 77 27.69 5.12 -13.50
CA GLN D 77 28.23 5.68 -12.28
C GLN D 77 28.30 7.20 -12.38
N ILE D 78 28.27 7.84 -11.21
CA ILE D 78 28.34 9.29 -11.15
C ILE D 78 29.56 9.78 -11.92
N GLY D 79 29.35 10.74 -12.82
CA GLY D 79 30.42 11.31 -13.59
C GLY D 79 30.57 10.76 -14.99
N ASP D 80 29.91 9.65 -15.31
CA ASP D 80 29.97 9.14 -16.68
C ASP D 80 29.48 10.23 -17.63
N PRO D 81 30.24 10.56 -18.67
CA PRO D 81 29.79 11.60 -19.60
C PRO D 81 28.56 11.17 -20.38
N ILE D 82 27.63 12.10 -20.55
CA ILE D 82 26.46 11.91 -21.40
C ILE D 82 26.60 12.86 -22.59
N HIS D 83 26.49 12.31 -23.80
CA HIS D 83 26.62 13.08 -25.02
C HIS D 83 25.30 13.13 -25.76
N ASP D 84 25.21 14.05 -26.71
CA ASP D 84 24.13 14.03 -27.69
C ASP D 84 24.52 13.05 -28.80
N LEU D 85 23.74 13.00 -29.87
CA LEU D 85 24.03 12.13 -30.99
C LEU D 85 25.01 12.75 -31.99
N GLU D 86 25.43 14.00 -31.76
CA GLU D 86 26.46 14.65 -32.55
C GLU D 86 27.84 14.54 -31.92
N GLY D 87 27.93 14.11 -30.66
CA GLY D 87 29.18 13.92 -29.99
C GLY D 87 29.54 14.99 -28.98
N ASN D 88 28.67 15.98 -28.79
CA ASN D 88 28.90 16.99 -27.77
C ASN D 88 28.45 16.49 -26.42
N GLN D 89 29.25 16.74 -25.41
CA GLN D 89 28.90 16.39 -24.04
C GLN D 89 27.89 17.41 -23.50
N ILE D 90 26.81 16.91 -22.90
CA ILE D 90 25.74 17.78 -22.42
C ILE D 90 25.49 17.65 -20.92
N SER D 91 25.97 16.59 -20.27
CA SER D 91 25.72 16.37 -18.84
C SER D 91 26.63 15.25 -18.37
N ILE D 92 26.48 14.87 -17.11
CA ILE D 92 27.12 13.69 -16.55
C ILE D 92 26.07 12.90 -15.77
N VAL D 93 26.32 11.60 -15.64
CA VAL D 93 25.45 10.73 -14.85
C VAL D 93 25.46 11.23 -13.42
N THR D 94 24.28 11.49 -12.87
CA THR D 94 24.14 11.93 -11.48
C THR D 94 23.33 10.99 -10.61
N TYR D 95 22.11 10.64 -11.01
CA TYR D 95 21.17 9.92 -10.17
C TYR D 95 20.48 8.84 -10.98
N ARG D 96 20.06 7.78 -10.30
N ARG D 96 20.05 7.79 -10.29
CA ARG D 96 19.36 6.69 -10.96
CA ARG D 96 19.39 6.66 -10.93
C ARG D 96 18.18 6.25 -10.12
C ARG D 96 18.17 6.25 -10.11
N HIS D 97 17.17 5.70 -10.80
CA HIS D 97 16.03 5.03 -10.20
C HIS D 97 15.91 3.71 -10.95
N LYS D 98 16.47 2.64 -10.37
CA LYS D 98 16.50 1.35 -11.07
C LYS D 98 17.20 1.53 -12.41
N ASN D 99 16.48 1.35 -13.52
CA ASN D 99 17.05 1.55 -14.84
C ASN D 99 16.77 2.93 -15.44
N TYR D 100 16.29 3.88 -14.65
CA TYR D 100 16.13 5.25 -15.08
C TYR D 100 17.33 6.08 -14.62
N TYR D 101 17.85 6.91 -15.52
CA TYR D 101 18.98 7.77 -15.22
C TYR D 101 18.62 9.22 -15.54
N ALA D 102 18.76 10.10 -14.56
CA ALA D 102 18.47 11.52 -14.78
C ALA D 102 19.43 12.13 -15.78
N LEU D 103 18.92 13.09 -16.56
CA LEU D 103 19.73 13.95 -17.43
C LEU D 103 19.72 15.34 -16.80
N SER D 104 20.78 15.68 -16.07
CA SER D 104 20.77 16.89 -15.29
C SER D 104 21.22 18.10 -16.12
N GLY D 105 20.61 19.24 -15.83
CA GLY D 105 20.77 20.47 -16.59
C GLY D 105 19.56 21.36 -16.34
N ILE D 106 19.34 22.29 -17.27
CA ILE D 106 18.09 23.03 -17.23
C ILE D 106 16.96 22.08 -17.61
N GLY D 107 16.05 21.84 -16.67
CA GLY D 107 14.95 20.96 -16.96
C GLY D 107 13.58 21.59 -16.73
N TYR D 108 12.75 20.82 -16.04
CA TYR D 108 11.38 21.27 -15.76
C TYR D 108 11.33 22.02 -14.42
N GLU D 109 10.26 21.84 -13.67
CA GLU D 109 10.06 22.64 -12.44
C GLU D 109 11.23 22.46 -11.49
N SER D 110 11.52 23.50 -10.71
CA SER D 110 12.69 23.48 -9.85
C SER D 110 12.36 24.09 -8.50
N LEU D 111 13.12 23.69 -7.49
CA LEU D 111 13.10 24.30 -6.17
C LEU D 111 14.54 24.62 -5.79
N ASP D 112 14.79 25.90 -5.52
CA ASP D 112 16.06 26.37 -4.97
C ASP D 112 15.77 26.96 -3.59
N LEU D 113 16.58 26.58 -2.60
CA LEU D 113 16.26 26.93 -1.23
C LEU D 113 17.52 27.08 -0.40
N CYS D 114 17.55 28.12 0.40
CA CYS D 114 18.51 28.27 1.49
C CYS D 114 18.04 27.45 2.70
N LEU D 115 18.83 26.48 3.11
CA LEU D 115 18.44 25.53 4.13
C LEU D 115 18.64 26.07 5.54
N GLU D 116 18.81 27.37 5.70
CA GLU D 116 18.97 27.93 7.05
C GLU D 116 17.68 27.74 7.85
N GLY D 117 17.81 27.13 9.01
CA GLY D 117 16.70 27.01 9.93
C GLY D 117 15.63 26.02 9.56
N VAL D 118 15.76 25.34 8.41
CA VAL D 118 14.74 24.41 7.93
C VAL D 118 15.42 23.13 7.44
N GLY D 119 14.68 22.02 7.54
CA GLY D 119 15.03 20.81 6.83
C GLY D 119 14.16 20.64 5.59
N ILE D 120 14.46 19.58 4.84
CA ILE D 120 13.70 19.29 3.62
C ILE D 120 13.70 17.78 3.43
N HIS D 121 12.53 17.24 3.10
CA HIS D 121 12.33 15.80 3.02
C HIS D 121 11.60 15.44 1.74
N HIS D 122 11.92 14.27 1.21
CA HIS D 122 11.36 13.80 -0.05
C HIS D 122 10.56 12.54 0.19
N HIS D 123 9.35 12.49 -0.37
CA HIS D 123 8.45 11.36 -0.20
C HIS D 123 7.95 10.86 -1.53
N VAL D 124 7.68 9.58 -1.61
CA VAL D 124 7.01 8.98 -2.74
C VAL D 124 5.51 9.10 -2.47
N LEU D 125 4.81 9.84 -3.32
CA LEU D 125 3.39 10.05 -3.14
C LEU D 125 2.65 8.85 -3.73
N GLU D 126 1.88 8.17 -2.88
CA GLU D 126 1.06 7.05 -3.34
C GLU D 126 -0.10 7.57 -4.18
N THR D 127 -0.32 6.94 -5.34
CA THR D 127 -1.38 7.42 -6.23
C THR D 127 -2.71 7.36 -5.52
N GLY D 128 -3.46 8.46 -5.59
CA GLY D 128 -4.73 8.58 -4.93
C GLY D 128 -4.68 9.12 -3.51
N ASN D 129 -3.51 9.14 -2.89
CA ASN D 129 -3.41 9.71 -1.55
C ASN D 129 -3.45 11.22 -1.62
N ALA D 130 -3.85 11.84 -0.52
CA ALA D 130 -3.83 13.28 -0.35
C ALA D 130 -2.68 13.68 0.56
N VAL D 131 -2.41 14.97 0.59
CA VAL D 131 -1.31 15.52 1.39
C VAL D 131 -1.86 16.66 2.23
N TYR D 132 -1.48 16.67 3.51
CA TYR D 132 -1.58 17.86 4.34
C TYR D 132 -0.26 18.07 5.07
N GLY D 133 0.44 19.16 4.75
CA GLY D 133 1.67 19.47 5.45
C GLY D 133 2.72 18.39 5.33
N LYS D 134 2.99 17.69 6.43
CA LYS D 134 4.09 16.73 6.47
C LYS D 134 3.63 15.26 6.34
N VAL D 135 2.36 15.01 6.07
CA VAL D 135 1.88 13.63 5.96
C VAL D 135 1.01 13.44 4.73
N GLN D 136 0.99 12.22 4.22
CA GLN D 136 0.05 11.76 3.21
C GLN D 136 -0.79 10.65 3.83
N HIS D 137 -2.00 10.47 3.28
CA HIS D 137 -2.91 9.41 3.71
C HIS D 137 -4.09 9.39 2.74
N GLU D 138 -5.06 8.55 3.06
CA GLU D 138 -6.31 8.53 2.27
C GLU D 138 -6.96 9.90 2.40
N TYR D 139 -7.75 10.28 1.40
CA TYR D 139 -8.27 11.64 1.40
C TYR D 139 -9.10 11.91 2.66
N SER D 140 -10.00 11.01 3.02
CA SER D 140 -10.89 11.26 4.15
C SER D 140 -10.08 11.47 5.43
N THR D 141 -9.02 10.68 5.61
CA THR D 141 -8.16 10.88 6.78
C THR D 141 -7.47 12.24 6.71
N ILE D 142 -6.96 12.60 5.52
CA ILE D 142 -6.29 13.89 5.37
C ILE D 142 -7.29 15.04 5.57
N LYS D 143 -8.46 14.95 4.95
CA LYS D 143 -9.46 15.99 5.12
C LYS D 143 -9.79 16.21 6.59
N GLU D 144 -9.71 15.16 7.40
CA GLU D 144 -9.97 15.32 8.83
C GLU D 144 -8.80 16.00 9.53
N LYS D 145 -7.57 15.58 9.21
CA LYS D 145 -6.40 16.24 9.78
C LYS D 145 -6.38 17.72 9.41
N ALA D 146 -6.79 18.05 8.19
CA ALA D 146 -6.83 19.44 7.78
C ALA D 146 -7.84 20.23 8.60
N LYS D 147 -9.00 19.61 8.89
CA LYS D 147 -10.01 20.29 9.70
C LYS D 147 -9.47 20.61 11.09
N GLU D 148 -8.75 19.68 11.69
CA GLU D 148 -8.20 19.91 13.03
C GLU D 148 -7.19 21.03 13.01
N MET D 149 -6.26 21.01 12.05
CA MET D 149 -5.22 22.02 11.93
C MET D 149 -5.72 23.32 11.33
N ASN D 150 -7.00 23.40 10.96
CA ASN D 150 -7.49 24.57 10.24
C ASN D 150 -7.38 25.84 11.08
N ALA D 151 -7.61 25.73 12.39
CA ALA D 151 -7.67 26.90 13.26
C ALA D 151 -6.36 27.19 13.97
N LEU D 152 -5.53 26.19 14.22
CA LEU D 152 -4.21 26.40 14.78
C LEU D 152 -3.50 27.54 14.05
N LYS D 153 -3.04 28.52 14.83
CA LYS D 153 -2.37 29.67 14.24
C LYS D 153 -1.03 29.24 13.65
N PRO D 154 -0.73 29.61 12.40
CA PRO D 154 0.52 29.15 11.79
C PRO D 154 1.75 29.67 12.52
N GLY D 155 2.72 28.78 12.71
CA GLY D 155 4.01 29.16 13.24
C GLY D 155 5.03 29.28 12.11
N PRO D 156 6.28 29.56 12.45
CA PRO D 156 7.31 29.70 11.42
C PRO D 156 7.56 28.40 10.68
N ILE D 157 7.89 28.54 9.39
CA ILE D 157 8.25 27.37 8.60
C ILE D 157 9.47 26.69 9.20
N ILE D 158 9.41 25.35 9.34
CA ILE D 158 10.54 24.61 9.85
C ILE D 158 10.94 23.44 8.95
N ASP D 159 10.07 23.07 8.01
CA ASP D 159 10.39 21.97 7.11
C ASP D 159 9.71 22.16 5.76
N TYR D 160 10.41 21.84 4.70
CA TYR D 160 9.84 21.63 3.38
C TYR D 160 9.65 20.13 3.15
N HIS D 161 8.59 19.78 2.44
CA HIS D 161 8.30 18.39 2.11
C HIS D 161 7.99 18.28 0.64
N VAL D 162 8.72 17.42 -0.07
CA VAL D 162 8.59 17.24 -1.50
C VAL D 162 7.89 15.91 -1.73
N TRP D 163 6.74 15.96 -2.41
CA TRP D 163 5.90 14.80 -2.67
C TRP D 163 5.91 14.50 -4.16
N ILE D 164 6.45 13.34 -4.52
CA ILE D 164 6.65 12.95 -5.91
C ILE D 164 5.72 11.79 -6.21
N GLY D 165 4.81 11.98 -7.17
CA GLY D 165 3.86 10.96 -7.53
C GLY D 165 3.85 10.73 -9.04
N ASP D 166 3.07 9.72 -9.45
CA ASP D 166 2.97 9.37 -10.86
C ASP D 166 2.09 10.32 -11.64
N CYS D 167 1.20 11.06 -10.98
CA CYS D 167 0.30 11.98 -11.63
C CYS D 167 0.51 13.43 -11.25
N VAL D 168 1.16 13.70 -10.12
CA VAL D 168 1.37 15.06 -9.66
C VAL D 168 2.56 15.05 -8.71
N CYS D 169 3.24 16.18 -8.61
CA CYS D 169 4.24 16.43 -7.58
C CYS D 169 3.82 17.65 -6.77
N GLN D 170 4.32 17.68 -5.54
CA GLN D 170 3.95 18.81 -4.67
C GLN D 170 5.09 19.19 -3.73
N VAL D 171 5.10 20.44 -3.34
CA VAL D 171 5.99 20.92 -2.29
C VAL D 171 5.13 21.59 -1.23
N THR D 172 5.29 21.17 0.02
CA THR D 172 4.62 21.83 1.13
C THR D 172 5.65 22.32 2.15
N THR D 173 5.24 23.32 2.93
CA THR D 173 5.98 23.77 4.09
C THR D 173 5.09 23.61 5.32
N VAL D 174 5.72 23.48 6.49
CA VAL D 174 4.99 23.25 7.73
C VAL D 174 5.71 23.91 8.88
N ASP D 175 4.97 24.16 9.96
CA ASP D 175 5.55 24.63 11.21
C ASP D 175 5.84 23.43 12.11
N VAL D 176 6.23 23.69 13.36
CA VAL D 176 6.59 22.60 14.27
C VAL D 176 5.37 21.73 14.59
N HIS D 177 4.17 22.29 14.50
CA HIS D 177 2.95 21.56 14.82
C HIS D 177 2.45 20.74 13.66
N GLY D 178 3.09 20.82 12.49
CA GLY D 178 2.61 20.16 11.29
C GLY D 178 1.55 20.92 10.52
N LYS D 179 1.20 22.14 10.94
CA LYS D 179 0.30 22.99 10.18
C LYS D 179 0.92 23.37 8.84
N GLU D 180 0.11 23.30 7.80
CA GLU D 180 0.60 23.57 6.45
C GLU D 180 0.58 25.06 6.15
N ILE D 181 1.71 25.57 5.66
CA ILE D 181 1.83 26.99 5.31
C ILE D 181 1.59 27.16 3.80
N MET D 182 2.36 26.43 2.99
CA MET D 182 2.27 26.54 1.55
C MET D 182 2.06 25.17 0.93
N ARG D 183 1.46 25.19 -0.26
CA ARG D 183 1.38 23.97 -1.09
C ARG D 183 1.51 24.41 -2.54
N MET D 184 2.56 23.96 -3.19
CA MET D 184 2.79 24.15 -4.62
C MET D 184 2.59 22.82 -5.31
N ARG D 185 1.80 22.81 -6.38
CA ARG D 185 1.59 21.60 -7.17
C ARG D 185 2.30 21.74 -8.52
N PHE D 186 3.09 20.75 -8.87
CA PHE D 186 3.68 20.60 -10.19
C PHE D 186 2.88 19.52 -10.93
N LYS D 187 2.34 19.86 -12.10
CA LYS D 187 1.52 18.91 -12.85
C LYS D 187 2.39 18.12 -13.82
N ARG D 188 3.21 17.25 -13.24
CA ARG D 188 3.98 16.26 -14.00
C ARG D 188 4.15 15.04 -13.11
N GLY D 189 4.33 13.89 -13.75
CA GLY D 189 4.62 12.66 -13.05
C GLY D 189 6.11 12.38 -13.00
N ALA D 190 6.55 11.72 -11.93
CA ALA D 190 7.98 11.53 -11.76
C ALA D 190 8.24 10.45 -10.72
N VAL D 191 9.51 10.13 -10.55
CA VAL D 191 10.00 9.19 -9.56
C VAL D 191 11.16 9.84 -8.82
N LEU D 192 11.52 9.26 -7.68
CA LEU D 192 12.64 9.74 -6.91
C LEU D 192 13.84 8.82 -7.09
N PRO D 193 15.05 9.35 -6.99
CA PRO D 193 16.23 8.48 -7.03
C PRO D 193 16.21 7.48 -5.89
N ILE D 194 16.78 6.32 -6.14
CA ILE D 194 16.95 5.26 -5.15
C ILE D 194 18.43 5.20 -4.79
N PRO D 195 18.83 5.52 -3.55
CA PRO D 195 20.25 5.55 -3.19
C PRO D 195 20.97 4.23 -3.43
C10 WY8 E . 9.12 -27.76 9.26
C13 WY8 E . 12.69 -27.54 9.09
C8 WY8 E . 12.07 -25.73 7.42
C5 WY8 E . 13.97 -24.91 6.96
C4 WY8 E . 14.20 -25.90 7.91
C1 WY8 E . 6.93 -24.42 11.07
C2 WY8 E . 16.38 -25.57 7.85
C6 WY8 E . 15.10 -24.25 6.46
C24 WY8 E . 12.56 -27.11 10.55
C28 WY8 E . 8.46 -22.56 11.37
C29 WY8 E . 7.94 -22.71 9.95
C3 WY8 E . 7.60 -23.60 12.16
C31 WY8 E . 10.13 -22.18 8.72
C33 WY8 E . 9.37 -21.15 7.02
C34 WY8 E . 8.28 -21.44 7.80
C36 WY8 E . 6.82 -20.53 6.43
C38 WY8 E . 9.15 -20.46 5.78
C7 WY8 E . 8.42 -24.45 13.12
C40 WY8 E . 7.90 -24.21 9.91
C11 WY8 E . 11.06 -26.95 10.74
C9 WY8 E . 10.50 -28.02 9.81
F1 WY8 E . 5.66 -23.96 10.70
F25 WY8 E . 13.04 -28.13 11.38
N9 WY8 E . 12.97 -26.43 8.19
N7 WY8 E . 12.63 -24.82 6.67
N3 WY8 E . 15.38 -26.28 8.39
N1 WY8 E . 16.32 -24.60 6.93
N6 WY8 E . 14.99 -23.36 5.48
N30 WY8 E . 8.78 -22.11 8.90
N32 WY8 E . 10.53 -21.62 7.61
N35 WY8 E . 6.99 -21.15 7.56
N37 WY8 E . 7.82 -20.20 5.58
O11 WY8 E . 9.05 -26.43 8.70
O12 WY8 E . 11.44 -28.10 8.72
O27 WY8 E . 11.35 -25.11 13.17
O39 WY8 E . 9.99 -20.11 4.97
O41 WY8 E . 7.36 -24.60 8.64
O44 WY8 E . 7.80 -25.82 6.56
O5 WY8 E . 8.96 -25.65 12.55
O7 WY8 E . 10.70 -27.29 12.08
P42 WY8 E . 7.71 -25.99 8.03
P6 WY8 E . 10.32 -26.17 13.11
S26 WY8 E . 10.10 -27.10 14.95
S43 WY8 E . 6.19 -27.25 8.66
C10 WY8 F . -21.14 -20.96 11.20
C13 WY8 F . -24.35 -20.43 12.63
C8 WY8 F . -24.17 -22.95 12.66
C5 WY8 F . -26.08 -23.51 13.41
C4 WY8 F . -26.07 -22.13 13.38
C1 WY8 F . -17.78 -22.01 14.32
C2 WY8 F . -28.12 -22.00 14.16
C6 WY8 F . -27.26 -24.11 13.86
C24 WY8 F . -23.55 -19.82 13.78
C28 WY8 F . -18.47 -23.35 16.15
C29 WY8 F . -18.64 -24.07 14.83
C3 WY8 F . -18.11 -21.88 15.81
C31 WY8 F . -21.06 -24.88 15.02
C33 WY8 F . -20.83 -26.94 14.54
C34 WY8 F . -19.57 -26.40 14.50
C36 WY8 F . -18.58 -28.28 13.93
C38 WY8 F . -20.97 -28.32 14.24
C7 WY8 F . -19.25 -20.93 16.10
C40 WY8 F . -18.93 -22.90 13.92
C11 WY8 F . -22.09 -20.05 13.39
C9 WY8 F . -22.14 -20.05 11.87
F1 WY8 F . -16.57 -22.64 14.03
F25 WY8 F . -23.81 -18.45 13.84
N9 WY8 F . -24.83 -21.78 12.89
N7 WY8 F . -24.88 -24.02 12.95
N3 WY8 F . -27.06 -21.31 13.74
N1 WY8 F . -28.29 -23.33 14.24
N6 WY8 F . -27.38 -25.45 13.86
N30 WY8 F . -19.73 -25.07 14.81
N32 WY8 F . -21.76 -25.98 14.86
N35 WY8 F . -18.41 -27.02 14.19
N37 WY8 F . -19.77 -28.91 13.93
O11 WY8 F . -20.86 -22.10 12.02
O12 WY8 F . -23.46 -20.49 11.53
O27 WY8 F . -21.49 -19.32 16.31
O39 WY8 F . -22.02 -28.98 14.24
O41 WY8 F . -18.76 -23.39 12.58
O44 WY8 F . -20.31 -24.37 10.95
O5 WY8 F . -19.49 -20.04 15.00
O7 WY8 F . -21.30 -18.92 13.82
P42 WY8 F . -19.79 -23.08 11.45
P6 WY8 F . -20.59 -18.94 15.21
S26 WY8 F . -19.68 -17.12 15.59
S43 WY8 F . -18.70 -22.02 10.06
C10 WY8 G . 16.14 34.20 -16.13
C13 WY8 G . 18.71 35.62 -18.08
C8 WY8 G . 19.84 33.87 -16.64
C5 WY8 G . 21.85 34.00 -17.29
C4 WY8 G . 21.14 34.95 -18.01
C1 WY8 G . 14.97 29.92 -17.06
C2 WY8 G . 22.95 35.61 -19.08
C6 WY8 G . 23.23 33.92 -17.54
C24 WY8 G . 18.00 34.95 -19.25
C28 WY8 G . 16.72 28.73 -18.22
C29 WY8 G . 16.99 28.93 -16.74
C3 WY8 G . 15.31 29.33 -18.43
C31 WY8 G . 19.47 29.59 -16.84
C33 WY8 G . 20.23 28.50 -15.19
C34 WY8 G . 18.90 28.19 -15.27
C36 WY8 G . 18.94 26.85 -13.51
C38 WY8 G . 21.02 27.91 -14.14
C7 WY8 G . 15.24 30.35 -19.54
C40 WY8 G . 16.37 30.28 -16.58
C11 WY8 G . 16.91 34.13 -18.57
C9 WY8 G . 16.57 34.98 -17.35
F1 WY8 G . 14.39 29.02 -16.15
F25 WY8 G . 17.43 35.92 -20.06
N9 WY8 G . 19.85 34.85 -17.58
N7 WY8 G . 21.01 33.33 -16.42
N3 WY8 G . 21.64 35.78 -18.93
N1 WY8 G . 23.76 34.75 -18.45
N6 WY8 G . 23.98 33.06 -16.87
N30 WY8 G . 18.41 28.90 -16.34
N32 WY8 G . 20.58 29.39 -16.19
N35 WY8 G . 18.20 27.38 -14.45
N37 WY8 G . 20.26 27.09 -13.34
O11 WY8 G . 16.85 32.95 -16.06
O12 WY8 G . 17.77 35.73 -17.04
O27 WY8 G . 16.54 32.48 -21.07
O39 WY8 G . 22.22 28.04 -13.94
O41 WY8 G . 16.42 30.63 -15.20
O44 WY8 G . 17.73 32.23 -13.77
O5 WY8 G . 15.19 31.72 -19.10
O7 WY8 G . 15.73 34.10 -19.38
P42 WY8 G . 16.63 32.11 -14.75
P6 WY8 G . 15.40 32.81 -20.19
S26 WY8 G . 13.66 33.10 -21.30
S43 WY8 G . 14.78 32.62 -14.02
C10 WY8 H . -4.91 14.68 -4.12
C13 WY8 H . -7.90 12.77 -3.68
C8 WY8 H . -8.84 15.10 -3.52
C5 WY8 H . -10.86 14.74 -3.02
C4 WY8 H . -10.27 13.50 -3.15
C1 WY8 H . -4.48 16.66 -8.29
C2 WY8 H . -12.15 12.46 -2.61
C6 WY8 H . -12.22 14.75 -2.64
C24 WY8 H . -7.67 12.40 -5.14
C28 WY8 H . -6.60 17.17 -9.31
C29 WY8 H . -6.28 18.07 -8.13
C3 WY8 H . -5.39 16.23 -9.45
C31 WY8 H . -8.49 17.94 -6.86
C33 WY8 H . -8.74 19.96 -6.26
C34 WY8 H . -7.59 19.91 -7.00
C36 WY8 H . -7.17 22.06 -6.82
C38 WY8 H . -9.15 21.21 -5.72
C7 WY8 H . -5.76 14.77 -9.40
C40 WY8 H . -5.53 17.08 -7.29
C11 WY8 H . -6.46 13.21 -5.56
C9 WY8 H . -5.69 13.39 -4.25
F1 WY8 H . -3.63 17.74 -8.57
F25 WY8 H . -7.36 11.03 -5.23
N9 WY8 H . -8.96 13.74 -3.48
N7 WY8 H . -9.94 15.76 -3.25
N3 WY8 H . -10.86 12.31 -2.97
N1 WY8 H . -12.84 13.58 -2.44
N6 WY8 H . -12.86 15.90 -2.43
N30 WY8 H . -7.43 18.61 -7.38
N32 WY8 H . -9.30 18.71 -6.16
N35 WY8 H . -6.77 20.94 -7.31
N37 WY8 H . -8.28 22.23 -6.07
O11 WY8 H . -5.54 15.79 -4.81
O12 WY8 H . -6.69 13.33 -3.22
O27 WY8 H . -7.21 12.49 -8.39
O39 WY8 H . -10.16 21.44 -5.07
O41 WY8 H . -5.00 17.84 -6.19
O44 WY8 H . -5.18 18.13 -3.75
O5 WY8 H . -5.27 14.08 -8.25
O7 WY8 H . -5.62 12.46 -6.45
P42 WY8 H . -4.78 17.15 -4.80
P6 WY8 H . -5.79 12.63 -7.99
S26 WY8 H . -4.65 11.28 -9.04
S43 WY8 H . -2.73 16.75 -4.62
#